data_2ENH
#
_entry.id   2ENH
#
loop_
_entity.id
_entity.type
_entity.pdbx_description
1 polymer 'Zinc finger protein 28 homolog'
2 non-polymer 'ZINC ION'
#
_entity_poly.entity_id   1
_entity_poly.type   'polypeptide(L)'
_entity_poly.pdbx_seq_one_letter_code
;GSSGSSGTGEKPYECDVCRKAFSHHASLTQHQRVHSGEKPSGPSSG
;
_entity_poly.pdbx_strand_id   A
#
loop_
_chem_comp.id
_chem_comp.type
_chem_comp.name
_chem_comp.formula
ZN non-polymer 'ZINC ION' 'Zn 2'
#
# COMPACT_ATOMS: atom_id res chain seq x y z
N GLY A 1 3.41 16.67 -26.20
CA GLY A 1 4.37 15.77 -25.57
C GLY A 1 4.05 15.50 -24.13
N SER A 2 5.00 14.91 -23.41
CA SER A 2 4.80 14.59 -22.00
C SER A 2 5.07 15.81 -21.12
N SER A 3 4.02 16.58 -20.86
CA SER A 3 4.14 17.78 -20.03
C SER A 3 3.17 17.73 -18.85
N GLY A 4 1.90 17.45 -19.15
CA GLY A 4 0.90 17.37 -18.11
C GLY A 4 0.53 15.94 -17.75
N SER A 5 0.85 15.55 -16.53
CA SER A 5 0.56 14.19 -16.06
C SER A 5 0.07 14.21 -14.62
N SER A 6 -0.94 13.38 -14.34
CA SER A 6 -1.51 13.30 -13.00
C SER A 6 -0.82 12.21 -12.18
N GLY A 7 0.50 12.15 -12.28
CA GLY A 7 1.26 11.15 -11.54
C GLY A 7 0.54 9.82 -11.46
N THR A 8 0.03 9.36 -12.60
CA THR A 8 -0.69 8.09 -12.65
C THR A 8 -0.06 7.06 -11.72
N GLY A 9 1.27 6.99 -11.75
CA GLY A 9 1.98 6.04 -10.91
C GLY A 9 3.46 6.34 -10.83
N GLU A 10 4.03 6.21 -9.63
CA GLU A 10 5.45 6.48 -9.43
C GLU A 10 6.20 5.18 -9.09
N LYS A 11 5.44 4.14 -8.77
CA LYS A 11 6.03 2.85 -8.43
C LYS A 11 5.13 1.70 -8.90
N PRO A 12 5.75 0.57 -9.26
CA PRO A 12 5.03 -0.62 -9.73
C PRO A 12 4.24 -1.29 -8.61
N TYR A 13 4.51 -0.88 -7.38
CA TYR A 13 3.82 -1.45 -6.22
C TYR A 13 3.41 -0.35 -5.24
N GLU A 14 2.10 -0.24 -5.00
CA GLU A 14 1.58 0.76 -4.08
C GLU A 14 0.44 0.19 -3.24
N CYS A 15 0.53 0.35 -1.93
CA CYS A 15 -0.49 -0.14 -1.01
C CYS A 15 -1.81 0.57 -1.24
N ASP A 16 -2.88 -0.22 -1.40
CA ASP A 16 -4.20 0.34 -1.62
C ASP A 16 -4.88 0.69 -0.31
N VAL A 17 -4.07 0.92 0.73
CA VAL A 17 -4.58 1.25 2.05
C VAL A 17 -3.96 2.54 2.56
N CYS A 18 -2.63 2.58 2.60
CA CYS A 18 -1.91 3.75 3.08
C CYS A 18 -1.19 4.45 1.92
N ARG A 19 -1.30 3.88 0.72
CA ARG A 19 -0.66 4.44 -0.46
C ARG A 19 0.85 4.49 -0.28
N LYS A 20 1.43 3.37 0.17
CA LYS A 20 2.87 3.29 0.38
C LYS A 20 3.58 2.91 -0.91
N ALA A 21 4.91 3.01 -0.90
CA ALA A 21 5.71 2.68 -2.08
C ALA A 21 6.85 1.73 -1.70
N PHE A 22 6.96 0.64 -2.43
CA PHE A 22 8.02 -0.35 -2.18
C PHE A 22 8.84 -0.59 -3.44
N SER A 23 10.01 -1.19 -3.26
CA SER A 23 10.91 -1.47 -4.38
C SER A 23 10.62 -2.85 -4.96
N HIS A 24 10.47 -3.84 -4.08
CA HIS A 24 10.20 -5.21 -4.51
C HIS A 24 8.70 -5.52 -4.40
N HIS A 25 8.25 -6.49 -5.19
CA HIS A 25 6.84 -6.88 -5.18
C HIS A 25 6.45 -7.47 -3.84
N ALA A 26 7.18 -8.50 -3.41
CA ALA A 26 6.90 -9.16 -2.13
C ALA A 26 6.73 -8.13 -1.01
N SER A 27 7.68 -7.20 -0.93
CA SER A 27 7.63 -6.17 0.10
C SER A 27 6.22 -5.61 0.25
N LEU A 28 5.46 -5.63 -0.83
CA LEU A 28 4.09 -5.13 -0.83
C LEU A 28 3.14 -6.16 -0.22
N THR A 29 3.16 -7.37 -0.78
CA THR A 29 2.30 -8.44 -0.29
C THR A 29 2.57 -8.74 1.18
N GLN A 30 3.75 -8.38 1.65
CA GLN A 30 4.13 -8.61 3.03
C GLN A 30 3.64 -7.48 3.93
N HIS A 31 3.85 -6.25 3.50
CA HIS A 31 3.43 -5.08 4.25
C HIS A 31 1.92 -5.11 4.50
N GLN A 32 1.16 -5.41 3.45
CA GLN A 32 -0.29 -5.48 3.56
C GLN A 32 -0.72 -6.05 4.90
N ARG A 33 0.11 -6.92 5.46
CA ARG A 33 -0.18 -7.55 6.74
C ARG A 33 -0.60 -6.50 7.77
N VAL A 34 0.23 -5.47 7.94
CA VAL A 34 -0.06 -4.41 8.89
C VAL A 34 -1.54 -4.06 8.88
N HIS A 35 -2.21 -4.30 7.76
CA HIS A 35 -3.63 -4.02 7.64
C HIS A 35 -4.46 -5.29 7.76
N SER A 36 -5.58 -5.19 8.46
CA SER A 36 -6.46 -6.34 8.65
C SER A 36 -7.00 -6.85 7.32
N GLY A 37 -7.60 -5.95 6.54
CA GLY A 37 -8.15 -6.32 5.26
C GLY A 37 -9.41 -7.16 5.38
N GLU A 38 -10.17 -7.25 4.30
CA GLU A 38 -11.41 -8.02 4.29
C GLU A 38 -11.18 -9.41 3.73
N LYS A 39 -10.67 -10.31 4.56
CA LYS A 39 -10.40 -11.68 4.16
C LYS A 39 -10.81 -12.67 5.25
N PRO A 40 -11.32 -13.84 4.83
CA PRO A 40 -11.76 -14.89 5.77
C PRO A 40 -10.58 -15.55 6.48
N SER A 41 -10.89 -16.30 7.53
CA SER A 41 -9.85 -16.98 8.31
C SER A 41 -9.21 -18.09 7.49
N GLY A 42 -7.88 -18.09 7.45
CA GLY A 42 -7.16 -19.10 6.70
C GLY A 42 -6.47 -20.11 7.60
N PRO A 43 -5.62 -20.96 7.00
CA PRO A 43 -4.89 -22.00 7.74
C PRO A 43 -3.80 -21.41 8.64
N SER A 44 -4.10 -21.28 9.92
CA SER A 44 -3.16 -20.72 10.88
C SER A 44 -1.81 -21.44 10.79
N SER A 45 -0.74 -20.72 11.10
CA SER A 45 0.60 -21.28 11.05
C SER A 45 0.90 -22.09 12.31
N GLY A 46 1.86 -23.00 12.22
CA GLY A 46 2.23 -23.82 13.35
C GLY A 46 2.43 -25.27 12.97
ZN ZN B . -0.35 -0.08 3.73
N GLY A 1 -11.19 18.16 -8.10
CA GLY A 1 -12.31 17.45 -7.49
C GLY A 1 -11.90 16.07 -7.00
N SER A 2 -11.49 15.21 -7.93
CA SER A 2 -11.08 13.85 -7.58
C SER A 2 -10.27 13.23 -8.70
N SER A 3 -9.14 12.63 -8.35
CA SER A 3 -8.27 12.00 -9.34
C SER A 3 -7.80 10.63 -8.85
N GLY A 4 -7.45 9.77 -9.79
CA GLY A 4 -6.99 8.43 -9.44
C GLY A 4 -6.55 7.63 -10.64
N SER A 5 -5.50 8.11 -11.32
CA SER A 5 -4.99 7.43 -12.50
C SER A 5 -3.50 7.11 -12.34
N SER A 6 -3.18 5.82 -12.24
CA SER A 6 -1.81 5.39 -12.07
C SER A 6 -1.27 4.80 -13.37
N GLY A 7 -0.79 5.66 -14.26
CA GLY A 7 -0.25 5.21 -15.53
C GLY A 7 1.22 4.83 -15.44
N THR A 8 2.05 5.53 -16.20
CA THR A 8 3.48 5.27 -16.20
C THR A 8 4.10 5.56 -14.84
N GLY A 9 5.16 4.82 -14.50
CA GLY A 9 5.82 5.02 -13.23
C GLY A 9 6.89 3.98 -12.97
N GLU A 10 7.59 4.13 -11.85
CA GLU A 10 8.66 3.19 -11.49
C GLU A 10 8.21 2.28 -10.35
N LYS A 11 7.24 2.76 -9.56
CA LYS A 11 6.73 1.99 -8.43
C LYS A 11 5.30 1.53 -8.70
N PRO A 12 5.16 0.44 -9.46
CA PRO A 12 3.84 -0.12 -9.81
C PRO A 12 3.16 -0.76 -8.60
N TYR A 13 3.79 -0.66 -7.44
CA TYR A 13 3.24 -1.22 -6.21
C TYR A 13 2.83 -0.13 -5.24
N GLU A 14 1.59 -0.19 -4.77
CA GLU A 14 1.08 0.80 -3.83
C GLU A 14 0.03 0.19 -2.91
N CYS A 15 0.04 0.61 -1.65
CA CYS A 15 -0.91 0.10 -0.67
C CYS A 15 -2.23 0.86 -0.75
N ASP A 16 -3.33 0.12 -0.75
CA ASP A 16 -4.65 0.73 -0.81
C ASP A 16 -5.20 0.99 0.59
N VAL A 17 -4.30 1.18 1.54
CA VAL A 17 -4.69 1.44 2.92
C VAL A 17 -3.94 2.63 3.49
N CYS A 18 -2.64 2.69 3.23
CA CYS A 18 -1.80 3.77 3.71
C CYS A 18 -1.19 4.55 2.54
N ARG A 19 -1.39 4.04 1.33
CA ARG A 19 -0.86 4.69 0.14
C ARG A 19 0.66 4.75 0.17
N LYS A 20 1.29 3.63 0.52
CA LYS A 20 2.74 3.55 0.60
C LYS A 20 3.32 2.96 -0.68
N ALA A 21 4.46 3.48 -1.10
CA ALA A 21 5.13 3.01 -2.31
C ALA A 21 6.39 2.21 -1.96
N PHE A 22 6.55 1.06 -2.61
CA PHE A 22 7.70 0.21 -2.38
C PHE A 22 8.48 -0.03 -3.66
N SER A 23 9.75 -0.38 -3.53
CA SER A 23 10.62 -0.62 -4.68
C SER A 23 10.33 -1.99 -5.29
N HIS A 24 10.26 -3.01 -4.43
CA HIS A 24 9.99 -4.37 -4.88
C HIS A 24 8.56 -4.78 -4.55
N HIS A 25 8.19 -5.99 -4.96
CA HIS A 25 6.85 -6.50 -4.70
C HIS A 25 6.77 -7.18 -3.34
N ALA A 26 7.64 -8.16 -3.12
CA ALA A 26 7.68 -8.89 -1.86
C ALA A 26 7.48 -7.95 -0.68
N SER A 27 7.82 -6.68 -0.88
CA SER A 27 7.68 -5.68 0.18
C SER A 27 6.21 -5.38 0.46
N LEU A 28 5.44 -5.18 -0.60
CA LEU A 28 4.01 -4.89 -0.47
C LEU A 28 3.23 -6.15 -0.07
N THR A 29 3.40 -7.21 -0.86
CA THR A 29 2.72 -8.46 -0.58
C THR A 29 2.75 -8.80 0.90
N GLN A 30 3.87 -8.50 1.55
CA GLN A 30 4.04 -8.77 2.97
C GLN A 30 3.44 -7.65 3.81
N HIS A 31 3.99 -6.45 3.68
CA HIS A 31 3.51 -5.29 4.43
C HIS A 31 1.98 -5.30 4.51
N GLN A 32 1.33 -5.31 3.36
CA GLN A 32 -0.13 -5.32 3.29
C GLN A 32 -0.71 -6.11 4.46
N ARG A 33 -0.06 -7.23 4.80
CA ARG A 33 -0.52 -8.08 5.89
C ARG A 33 -0.90 -7.24 7.10
N VAL A 34 0.03 -6.43 7.57
CA VAL A 34 -0.20 -5.58 8.73
C VAL A 34 -1.63 -5.05 8.74
N HIS A 35 -2.19 -4.82 7.55
CA HIS A 35 -3.55 -4.33 7.43
C HIS A 35 -4.55 -5.48 7.38
N SER A 36 -5.27 -5.68 8.47
CA SER A 36 -6.26 -6.76 8.55
C SER A 36 -7.56 -6.35 7.85
N GLY A 37 -7.65 -6.67 6.56
CA GLY A 37 -8.84 -6.34 5.79
C GLY A 37 -10.05 -7.13 6.24
N GLU A 38 -11.17 -6.91 5.57
CA GLU A 38 -12.41 -7.61 5.90
C GLU A 38 -12.68 -8.76 4.93
N LYS A 39 -11.61 -9.48 4.59
CA LYS A 39 -11.73 -10.61 3.66
C LYS A 39 -10.49 -11.50 3.73
N PRO A 40 -10.70 -12.81 3.59
CA PRO A 40 -9.60 -13.79 3.64
C PRO A 40 -8.69 -13.71 2.41
N SER A 41 -9.10 -12.89 1.44
CA SER A 41 -8.33 -12.72 0.21
C SER A 41 -8.10 -14.06 -0.47
N GLY A 42 -9.15 -14.89 -0.50
CA GLY A 42 -9.05 -16.19 -1.14
C GLY A 42 -9.57 -17.30 -0.25
N PRO A 43 -9.86 -18.46 -0.86
CA PRO A 43 -10.37 -19.64 -0.15
C PRO A 43 -9.32 -20.26 0.77
N SER A 44 -8.05 -20.05 0.44
CA SER A 44 -6.96 -20.59 1.23
C SER A 44 -7.23 -22.04 1.63
N SER A 45 -7.76 -22.81 0.68
CA SER A 45 -8.09 -24.21 0.94
C SER A 45 -7.05 -25.13 0.31
N GLY A 46 -6.52 -26.05 1.12
CA GLY A 46 -5.52 -26.98 0.62
C GLY A 46 -4.16 -26.32 0.43
ZN ZN B . -0.14 -0.16 4.01
N GLY A 1 -6.39 26.31 -10.74
CA GLY A 1 -5.26 25.77 -11.48
C GLY A 1 -5.69 24.75 -12.51
N SER A 2 -6.07 25.22 -13.69
CA SER A 2 -6.51 24.33 -14.76
C SER A 2 -5.65 23.08 -14.81
N SER A 3 -4.35 23.25 -14.70
CA SER A 3 -3.41 22.14 -14.74
C SER A 3 -3.13 21.61 -13.33
N GLY A 4 -3.70 20.45 -13.02
CA GLY A 4 -3.51 19.86 -11.71
C GLY A 4 -3.88 18.38 -11.68
N SER A 5 -2.89 17.53 -11.47
CA SER A 5 -3.12 16.09 -11.42
C SER A 5 -2.16 15.43 -10.44
N SER A 6 -2.62 14.34 -9.82
CA SER A 6 -1.80 13.60 -8.86
C SER A 6 -1.50 12.20 -9.36
N GLY A 7 -0.26 11.76 -9.18
CA GLY A 7 0.13 10.44 -9.63
C GLY A 7 0.94 9.70 -8.58
N THR A 8 2.21 10.06 -8.45
CA THR A 8 3.09 9.42 -7.48
C THR A 8 3.37 7.97 -7.86
N GLY A 9 3.50 7.72 -9.15
CA GLY A 9 3.76 6.37 -9.63
C GLY A 9 5.23 6.13 -9.90
N GLU A 10 5.96 5.71 -8.86
CA GLU A 10 7.39 5.45 -9.01
C GLU A 10 7.66 3.95 -9.06
N LYS A 11 6.75 3.16 -8.51
CA LYS A 11 6.88 1.72 -8.49
C LYS A 11 5.53 1.04 -8.75
N PRO A 12 5.57 -0.12 -9.42
CA PRO A 12 4.37 -0.90 -9.74
C PRO A 12 3.73 -1.52 -8.50
N TYR A 13 4.37 -1.32 -7.35
CA TYR A 13 3.86 -1.87 -6.10
C TYR A 13 3.43 -0.75 -5.15
N GLU A 14 2.12 -0.58 -5.00
CA GLU A 14 1.58 0.45 -4.12
C GLU A 14 0.44 -0.11 -3.26
N CYS A 15 0.41 0.31 -2.00
CA CYS A 15 -0.63 -0.15 -1.07
C CYS A 15 -1.95 0.57 -1.34
N ASP A 16 -3.00 0.14 -0.65
CA ASP A 16 -4.31 0.73 -0.81
C ASP A 16 -4.74 1.46 0.47
N VAL A 17 -4.61 0.78 1.60
CA VAL A 17 -4.98 1.37 2.89
C VAL A 17 -4.14 2.61 3.18
N CYS A 18 -2.83 2.44 3.21
CA CYS A 18 -1.91 3.55 3.48
C CYS A 18 -1.46 4.20 2.18
N ARG A 19 -1.52 3.46 1.09
CA ARG A 19 -1.11 3.96 -0.22
C ARG A 19 0.38 4.28 -0.23
N LYS A 20 1.19 3.32 0.20
CA LYS A 20 2.64 3.50 0.25
C LYS A 20 3.29 2.88 -0.99
N ALA A 21 4.43 3.44 -1.39
CA ALA A 21 5.15 2.95 -2.55
C ALA A 21 6.37 2.14 -2.13
N PHE A 22 6.51 0.94 -2.71
CA PHE A 22 7.63 0.06 -2.39
C PHE A 22 8.45 -0.23 -3.64
N SER A 23 9.67 -0.75 -3.43
CA SER A 23 10.56 -1.07 -4.53
C SER A 23 10.78 -2.57 -4.63
N HIS A 24 9.72 -3.33 -4.36
CA HIS A 24 9.79 -4.79 -4.42
C HIS A 24 8.40 -5.41 -4.29
N HIS A 25 7.93 -6.02 -5.37
CA HIS A 25 6.62 -6.65 -5.38
C HIS A 25 6.33 -7.33 -4.04
N ALA A 26 7.33 -8.03 -3.51
CA ALA A 26 7.19 -8.71 -2.23
C ALA A 26 6.93 -7.72 -1.10
N SER A 27 7.78 -6.71 -1.00
CA SER A 27 7.63 -5.70 0.04
C SER A 27 6.18 -5.27 0.20
N LEU A 28 5.43 -5.36 -0.90
CA LEU A 28 4.02 -4.99 -0.90
C LEU A 28 3.15 -6.12 -0.38
N THR A 29 3.30 -7.30 -0.98
CA THR A 29 2.53 -8.47 -0.57
C THR A 29 2.78 -8.81 0.89
N GLN A 30 3.87 -8.29 1.44
CA GLN A 30 4.23 -8.55 2.83
C GLN A 30 3.70 -7.44 3.74
N HIS A 31 4.06 -6.20 3.41
CA HIS A 31 3.63 -5.04 4.19
C HIS A 31 2.12 -5.06 4.40
N GLN A 32 1.39 -5.38 3.33
CA GLN A 32 -0.07 -5.43 3.39
C GLN A 32 -0.54 -6.05 4.70
N ARG A 33 0.31 -6.89 5.28
CA ARG A 33 -0.02 -7.56 6.54
C ARG A 33 -0.50 -6.54 7.58
N VAL A 34 0.22 -5.43 7.69
CA VAL A 34 -0.14 -4.39 8.65
C VAL A 34 -1.64 -4.12 8.64
N HIS A 35 -2.23 -4.17 7.44
CA HIS A 35 -3.67 -3.93 7.29
C HIS A 35 -4.44 -5.24 7.34
N SER A 36 -5.44 -5.29 8.23
CA SER A 36 -6.25 -6.49 8.39
C SER A 36 -7.71 -6.20 8.04
N GLY A 37 -8.16 -6.72 6.91
CA GLY A 37 -9.53 -6.51 6.48
C GLY A 37 -10.14 -7.74 5.84
N GLU A 38 -10.76 -8.59 6.64
CA GLU A 38 -11.38 -9.81 6.13
C GLU A 38 -12.69 -9.49 5.42
N LYS A 39 -13.08 -8.23 5.44
CA LYS A 39 -14.31 -7.79 4.79
C LYS A 39 -14.01 -6.82 3.66
N PRO A 40 -13.63 -7.37 2.48
CA PRO A 40 -13.31 -6.57 1.30
C PRO A 40 -14.55 -5.91 0.70
N SER A 41 -15.63 -6.67 0.61
CA SER A 41 -16.88 -6.17 0.05
C SER A 41 -18.02 -6.28 1.07
N GLY A 42 -18.96 -5.34 0.99
CA GLY A 42 -20.09 -5.36 1.90
C GLY A 42 -20.92 -6.62 1.80
N PRO A 43 -22.18 -6.55 2.24
CA PRO A 43 -23.10 -7.69 2.19
C PRO A 43 -23.52 -8.04 0.77
N SER A 44 -23.14 -7.18 -0.18
CA SER A 44 -23.49 -7.41 -1.58
C SER A 44 -23.17 -8.84 -2.00
N SER A 45 -24.16 -9.52 -2.57
CA SER A 45 -23.99 -10.89 -3.02
C SER A 45 -24.41 -11.05 -4.48
N GLY A 46 -24.27 -12.26 -5.00
CA GLY A 46 -24.64 -12.52 -6.38
C GLY A 46 -23.43 -12.74 -7.27
ZN ZN B . -0.18 -0.21 3.61
N GLY A 1 -14.74 13.02 -12.63
CA GLY A 1 -14.29 11.81 -11.98
C GLY A 1 -13.08 12.03 -11.10
N SER A 2 -12.16 11.07 -11.12
CA SER A 2 -10.94 11.17 -10.32
C SER A 2 -9.71 11.22 -11.22
N SER A 3 -9.07 12.40 -11.26
CA SER A 3 -7.88 12.59 -12.08
C SER A 3 -6.97 11.37 -12.01
N GLY A 4 -6.20 11.15 -13.07
CA GLY A 4 -5.29 10.01 -13.11
C GLY A 4 -4.33 9.99 -11.94
N SER A 5 -3.44 10.97 -11.89
CA SER A 5 -2.46 11.06 -10.82
C SER A 5 -1.96 9.68 -10.42
N SER A 6 -1.69 8.85 -11.42
CA SER A 6 -1.21 7.49 -11.18
C SER A 6 0.19 7.51 -10.58
N GLY A 7 1.10 8.21 -11.24
CA GLY A 7 2.47 8.29 -10.75
C GLY A 7 3.48 7.77 -11.75
N THR A 8 4.63 8.43 -11.85
CA THR A 8 5.67 8.03 -12.78
C THR A 8 6.95 7.65 -12.03
N GLY A 9 7.57 6.55 -12.44
CA GLY A 9 8.79 6.11 -11.80
C GLY A 9 8.82 4.61 -11.56
N GLU A 10 9.67 4.17 -10.63
CA GLU A 10 9.78 2.75 -10.30
C GLU A 10 8.93 2.40 -9.09
N LYS A 11 7.72 2.95 -9.03
CA LYS A 11 6.82 2.70 -7.93
C LYS A 11 5.48 2.17 -8.43
N PRO A 12 5.53 1.14 -9.30
CA PRO A 12 4.34 0.52 -9.87
C PRO A 12 3.56 -0.28 -8.85
N TYR A 13 4.03 -0.27 -7.61
CA TYR A 13 3.38 -1.01 -6.54
C TYR A 13 2.96 -0.06 -5.41
N GLU A 14 1.66 -0.05 -5.11
CA GLU A 14 1.12 0.80 -4.06
C GLU A 14 0.17 0.02 -3.16
N CYS A 15 -0.03 0.52 -1.95
CA CYS A 15 -0.92 -0.12 -0.99
C CYS A 15 -2.31 0.50 -1.04
N ASP A 16 -3.33 -0.36 -1.07
CA ASP A 16 -4.71 0.10 -1.12
C ASP A 16 -5.25 0.34 0.29
N VAL A 17 -4.35 0.61 1.22
CA VAL A 17 -4.74 0.86 2.61
C VAL A 17 -4.06 2.11 3.15
N CYS A 18 -2.76 2.20 2.96
CA CYS A 18 -1.99 3.35 3.43
C CYS A 18 -1.46 4.16 2.26
N ARG A 19 -1.67 3.65 1.06
CA ARG A 19 -1.21 4.33 -0.15
C ARG A 19 0.31 4.52 -0.13
N LYS A 20 1.02 3.44 0.18
CA LYS A 20 2.48 3.48 0.24
C LYS A 20 3.09 2.76 -0.95
N ALA A 21 4.11 3.36 -1.55
CA ALA A 21 4.79 2.77 -2.70
C ALA A 21 6.01 1.97 -2.27
N PHE A 22 6.21 0.81 -2.89
CA PHE A 22 7.34 -0.04 -2.56
C PHE A 22 8.15 -0.37 -3.82
N SER A 23 9.46 -0.52 -3.64
CA SER A 23 10.34 -0.83 -4.75
C SER A 23 10.01 -2.19 -5.36
N HIS A 24 9.86 -3.19 -4.49
CA HIS A 24 9.54 -4.54 -4.94
C HIS A 24 8.17 -4.97 -4.43
N HIS A 25 7.48 -5.78 -5.23
CA HIS A 25 6.15 -6.26 -4.86
C HIS A 25 6.17 -6.92 -3.48
N ALA A 26 6.99 -7.95 -3.33
CA ALA A 26 7.11 -8.65 -2.07
C ALA A 26 6.93 -7.70 -0.89
N SER A 27 7.72 -6.63 -0.88
CA SER A 27 7.65 -5.64 0.19
C SER A 27 6.21 -5.23 0.47
N LEU A 28 5.45 -5.00 -0.60
CA LEU A 28 4.05 -4.60 -0.49
C LEU A 28 3.17 -5.79 -0.12
N THR A 29 3.43 -6.93 -0.76
CA THR A 29 2.67 -8.14 -0.50
C THR A 29 2.69 -8.51 0.98
N GLN A 30 3.88 -8.50 1.56
CA GLN A 30 4.04 -8.83 2.97
C GLN A 30 3.56 -7.69 3.86
N HIS A 31 3.97 -6.48 3.52
CA HIS A 31 3.57 -5.29 4.28
C HIS A 31 2.07 -5.27 4.51
N GLN A 32 1.32 -5.64 3.48
CA GLN A 32 -0.14 -5.65 3.56
C GLN A 32 -0.60 -6.29 4.87
N ARG A 33 0.21 -7.19 5.40
CA ARG A 33 -0.12 -7.87 6.65
C ARG A 33 -0.37 -6.86 7.76
N VAL A 34 0.52 -5.88 7.89
CA VAL A 34 0.40 -4.85 8.91
C VAL A 34 -1.05 -4.41 9.06
N HIS A 35 -1.82 -4.51 7.98
CA HIS A 35 -3.22 -4.11 8.00
C HIS A 35 -4.12 -5.33 8.17
N SER A 36 -4.20 -5.82 9.41
CA SER A 36 -5.03 -6.99 9.71
C SER A 36 -6.48 -6.58 9.90
N GLY A 37 -6.76 -5.89 11.01
CA GLY A 37 -8.11 -5.46 11.29
C GLY A 37 -9.15 -6.46 10.85
N GLU A 38 -9.37 -7.48 11.67
CA GLU A 38 -10.35 -8.52 11.36
C GLU A 38 -11.70 -8.21 12.00
N LYS A 39 -12.05 -6.93 12.03
CA LYS A 39 -13.32 -6.49 12.61
C LYS A 39 -13.67 -5.08 12.16
N PRO A 40 -14.98 -4.84 11.95
CA PRO A 40 -15.47 -3.53 11.52
C PRO A 40 -15.34 -2.46 12.61
N SER A 41 -14.31 -1.62 12.49
CA SER A 41 -14.07 -0.57 13.48
C SER A 41 -13.98 0.79 12.78
N GLY A 42 -13.09 0.90 11.82
CA GLY A 42 -12.91 2.15 11.10
C GLY A 42 -13.78 2.23 9.86
N PRO A 43 -13.23 1.76 8.72
CA PRO A 43 -13.94 1.78 7.44
C PRO A 43 -15.09 0.78 7.41
N SER A 44 -16.24 1.22 6.89
CA SER A 44 -17.42 0.36 6.81
C SER A 44 -17.50 -0.33 5.43
N SER A 45 -17.59 0.49 4.39
CA SER A 45 -17.68 -0.03 3.03
C SER A 45 -16.43 -0.82 2.67
N GLY A 46 -15.27 -0.28 3.03
CA GLY A 46 -14.01 -0.95 2.73
C GLY A 46 -13.92 -1.41 1.29
ZN ZN B . -0.24 -0.37 3.67
N GLY A 1 1.05 30.68 -9.14
CA GLY A 1 -0.38 30.92 -9.01
C GLY A 1 -1.03 29.98 -8.02
N SER A 2 -0.81 28.68 -8.21
CA SER A 2 -1.40 27.67 -7.34
C SER A 2 -0.50 26.43 -7.26
N SER A 3 -0.65 25.66 -6.20
CA SER A 3 0.15 24.45 -6.00
C SER A 3 -0.53 23.24 -6.62
N GLY A 4 0.24 22.18 -6.82
CA GLY A 4 -0.32 20.97 -7.42
C GLY A 4 0.76 20.01 -7.88
N SER A 5 0.39 18.76 -8.11
CA SER A 5 1.33 17.74 -8.55
C SER A 5 0.61 16.60 -9.25
N SER A 6 1.19 16.13 -10.36
CA SER A 6 0.59 15.04 -11.13
C SER A 6 0.26 13.86 -10.23
N GLY A 7 1.19 13.51 -9.35
CA GLY A 7 0.98 12.40 -8.44
C GLY A 7 2.26 11.62 -8.17
N THR A 8 2.80 11.77 -6.96
CA THR A 8 4.03 11.09 -6.58
C THR A 8 3.76 9.62 -6.29
N GLY A 9 3.74 8.80 -7.34
CA GLY A 9 3.50 7.38 -7.18
C GLY A 9 3.59 6.62 -8.49
N GLU A 10 4.81 6.39 -8.96
CA GLU A 10 5.03 5.67 -10.21
C GLU A 10 5.46 4.23 -9.94
N LYS A 11 6.08 4.01 -8.79
CA LYS A 11 6.54 2.67 -8.41
C LYS A 11 5.56 1.61 -8.91
N PRO A 12 6.11 0.45 -9.30
CA PRO A 12 5.31 -0.67 -9.80
C PRO A 12 4.48 -1.33 -8.71
N TYR A 13 4.83 -1.04 -7.45
CA TYR A 13 4.11 -1.60 -6.31
C TYR A 13 3.75 -0.51 -5.31
N GLU A 14 2.49 -0.50 -4.89
CA GLU A 14 2.01 0.49 -3.94
C GLU A 14 0.83 -0.05 -3.14
N CYS A 15 0.72 0.39 -1.89
CA CYS A 15 -0.37 -0.05 -1.02
C CYS A 15 -1.69 0.59 -1.43
N ASP A 16 -2.78 0.17 -0.80
CA ASP A 16 -4.10 0.71 -1.10
C ASP A 16 -4.65 1.51 0.08
N VAL A 17 -4.24 1.13 1.29
CA VAL A 17 -4.70 1.80 2.50
C VAL A 17 -3.85 3.04 2.78
N CYS A 18 -2.54 2.87 2.78
CA CYS A 18 -1.62 3.98 3.03
C CYS A 18 -0.87 4.36 1.76
N ARG A 19 -1.20 3.69 0.65
CA ARG A 19 -0.56 3.97 -0.63
C ARG A 19 0.94 4.17 -0.45
N LYS A 20 1.55 3.31 0.34
CA LYS A 20 2.99 3.38 0.59
C LYS A 20 3.78 2.73 -0.54
N ALA A 21 4.92 3.32 -0.87
CA ALA A 21 5.77 2.79 -1.94
C ALA A 21 6.73 1.74 -1.40
N PHE A 22 6.96 0.69 -2.17
CA PHE A 22 7.86 -0.39 -1.77
C PHE A 22 8.80 -0.76 -2.92
N SER A 23 8.31 -0.66 -4.15
CA SER A 23 9.10 -0.99 -5.32
C SER A 23 9.57 -2.43 -5.27
N HIS A 24 8.76 -3.29 -4.66
CA HIS A 24 9.09 -4.72 -4.54
C HIS A 24 7.87 -5.52 -4.14
N HIS A 25 7.36 -6.33 -5.06
CA HIS A 25 6.19 -7.15 -4.81
C HIS A 25 6.28 -7.82 -3.44
N ALA A 26 7.46 -8.37 -3.13
CA ALA A 26 7.67 -9.03 -1.85
C ALA A 26 7.55 -8.04 -0.70
N SER A 27 7.92 -6.79 -0.95
CA SER A 27 7.84 -5.75 0.07
C SER A 27 6.40 -5.34 0.34
N LEU A 28 5.57 -5.42 -0.69
CA LEU A 28 4.16 -5.07 -0.58
C LEU A 28 3.34 -6.23 -0.03
N THR A 29 3.59 -7.42 -0.55
CA THR A 29 2.88 -8.61 -0.09
C THR A 29 3.01 -8.80 1.41
N GLN A 30 4.17 -8.42 1.96
CA GLN A 30 4.41 -8.53 3.38
C GLN A 30 3.73 -7.41 4.15
N HIS A 31 4.02 -6.17 3.75
CA HIS A 31 3.43 -5.01 4.41
C HIS A 31 1.92 -5.13 4.47
N GLN A 32 1.30 -5.40 3.33
CA GLN A 32 -0.16 -5.54 3.26
C GLN A 32 -0.69 -6.25 4.49
N ARG A 33 0.14 -7.09 5.10
CA ARG A 33 -0.25 -7.83 6.29
C ARG A 33 -0.77 -6.90 7.37
N VAL A 34 -0.05 -5.82 7.62
CA VAL A 34 -0.44 -4.84 8.62
C VAL A 34 -1.87 -4.37 8.42
N HIS A 35 -2.39 -4.60 7.21
CA HIS A 35 -3.76 -4.21 6.87
C HIS A 35 -4.67 -5.43 6.78
N SER A 36 -5.12 -5.91 7.94
CA SER A 36 -5.99 -7.08 7.99
C SER A 36 -6.93 -7.10 6.78
N GLY A 37 -6.98 -8.26 6.11
CA GLY A 37 -7.83 -8.39 4.94
C GLY A 37 -8.25 -9.83 4.70
N GLU A 38 -9.55 -10.09 4.69
CA GLU A 38 -10.07 -11.43 4.46
C GLU A 38 -9.39 -12.43 5.40
N LYS A 39 -9.28 -12.06 6.66
CA LYS A 39 -8.66 -12.93 7.66
C LYS A 39 -9.48 -12.98 8.93
N PRO A 40 -9.40 -14.12 9.65
CA PRO A 40 -10.14 -14.32 10.90
C PRO A 40 -9.62 -13.45 12.04
N SER A 41 -10.44 -13.24 13.05
CA SER A 41 -10.06 -12.42 14.20
C SER A 41 -10.30 -13.16 15.50
N GLY A 42 -11.58 -13.26 15.89
CA GLY A 42 -11.93 -13.94 17.12
C GLY A 42 -12.87 -13.13 17.99
N PRO A 43 -12.29 -12.34 18.89
CA PRO A 43 -13.07 -11.49 19.81
C PRO A 43 -13.77 -10.34 19.08
N SER A 44 -15.06 -10.51 18.81
CA SER A 44 -15.84 -9.49 18.13
C SER A 44 -16.03 -8.26 19.01
N SER A 45 -15.05 -7.36 18.98
CA SER A 45 -15.10 -6.15 19.78
C SER A 45 -14.62 -4.94 18.97
N GLY A 46 -15.20 -3.78 19.26
CA GLY A 46 -14.82 -2.57 18.54
C GLY A 46 -15.84 -1.46 18.70
ZN ZN B . -0.30 0.14 3.75
N GLY A 1 3.78 18.65 -19.11
CA GLY A 1 4.13 20.05 -19.23
C GLY A 1 5.42 20.40 -18.51
N SER A 2 6.48 19.67 -18.83
CA SER A 2 7.78 19.90 -18.20
C SER A 2 7.62 20.31 -16.74
N SER A 3 6.70 19.63 -16.04
CA SER A 3 6.44 19.93 -14.65
C SER A 3 7.75 20.05 -13.86
N GLY A 4 8.63 19.08 -14.04
CA GLY A 4 9.91 19.09 -13.35
C GLY A 4 9.82 18.49 -11.96
N SER A 5 9.76 17.17 -11.89
CA SER A 5 9.67 16.46 -10.62
C SER A 5 10.91 15.59 -10.38
N SER A 6 11.73 16.01 -9.42
CA SER A 6 12.96 15.27 -9.11
C SER A 6 12.76 14.44 -7.83
N GLY A 7 12.99 13.13 -7.95
CA GLY A 7 12.84 12.26 -6.80
C GLY A 7 11.77 11.20 -7.01
N THR A 8 10.61 11.63 -7.49
CA THR A 8 9.50 10.71 -7.73
C THR A 8 9.77 9.84 -8.96
N GLY A 9 10.10 8.57 -8.73
CA GLY A 9 10.37 7.66 -9.81
C GLY A 9 9.20 6.75 -10.11
N GLU A 10 9.45 5.73 -10.94
CA GLU A 10 8.40 4.79 -11.31
C GLU A 10 7.94 3.98 -10.09
N LYS A 11 6.63 3.93 -9.89
CA LYS A 11 6.05 3.20 -8.76
C LYS A 11 4.94 2.26 -9.23
N PRO A 12 5.33 1.10 -9.79
CA PRO A 12 4.38 0.11 -10.29
C PRO A 12 3.61 -0.58 -9.15
N TYR A 13 4.15 -0.48 -7.95
CA TYR A 13 3.52 -1.09 -6.78
C TYR A 13 3.09 -0.03 -5.77
N GLU A 14 2.03 -0.33 -5.03
CA GLU A 14 1.52 0.60 -4.02
C GLU A 14 0.40 -0.04 -3.20
N CYS A 15 0.38 0.27 -1.91
CA CYS A 15 -0.64 -0.28 -1.02
C CYS A 15 -2.00 0.39 -1.25
N ASP A 16 -3.00 -0.07 -0.52
CA ASP A 16 -4.35 0.49 -0.65
C ASP A 16 -4.79 1.14 0.67
N VAL A 17 -4.52 0.47 1.78
CA VAL A 17 -4.90 0.99 3.09
C VAL A 17 -4.12 2.25 3.42
N CYS A 18 -2.80 2.20 3.23
CA CYS A 18 -1.95 3.34 3.52
C CYS A 18 -1.49 4.01 2.22
N ARG A 19 -1.50 3.25 1.14
CA ARG A 19 -1.08 3.76 -0.16
C ARG A 19 0.40 4.11 -0.16
N LYS A 20 1.23 3.18 0.31
CA LYS A 20 2.66 3.39 0.38
C LYS A 20 3.36 2.82 -0.85
N ALA A 21 4.53 3.36 -1.17
CA ALA A 21 5.29 2.90 -2.33
C ALA A 21 6.36 1.90 -1.92
N PHE A 22 6.69 0.96 -2.80
CA PHE A 22 7.69 -0.04 -2.52
C PHE A 22 8.48 -0.39 -3.78
N SER A 23 9.69 -0.90 -3.60
CA SER A 23 10.55 -1.28 -4.72
C SER A 23 10.09 -2.60 -5.33
N HIS A 24 10.04 -3.64 -4.51
CA HIS A 24 9.62 -4.96 -4.96
C HIS A 24 8.23 -5.30 -4.45
N HIS A 25 7.61 -6.30 -5.07
CA HIS A 25 6.27 -6.72 -4.67
C HIS A 25 6.27 -7.21 -3.22
N ALA A 26 7.10 -8.19 -2.93
CA ALA A 26 7.20 -8.74 -1.57
C ALA A 26 6.95 -7.66 -0.53
N SER A 27 7.81 -6.65 -0.50
CA SER A 27 7.68 -5.56 0.46
C SER A 27 6.22 -5.15 0.63
N LEU A 28 5.50 -5.05 -0.48
CA LEU A 28 4.09 -4.68 -0.46
C LEU A 28 3.22 -5.84 0.00
N THR A 29 3.53 -7.04 -0.50
CA THR A 29 2.78 -8.23 -0.14
C THR A 29 2.82 -8.48 1.36
N GLN A 30 4.02 -8.63 1.90
CA GLN A 30 4.19 -8.87 3.33
C GLN A 30 3.63 -7.71 4.14
N HIS A 31 3.98 -6.49 3.75
CA HIS A 31 3.51 -5.30 4.45
C HIS A 31 1.99 -5.32 4.58
N GLN A 32 1.30 -5.51 3.46
CA GLN A 32 -0.15 -5.55 3.46
C GLN A 32 -0.69 -6.23 4.72
N ARG A 33 0.09 -7.15 5.26
CA ARG A 33 -0.29 -7.88 6.46
C ARG A 33 -0.74 -6.92 7.56
N VAL A 34 0.10 -5.91 7.83
CA VAL A 34 -0.21 -4.92 8.86
C VAL A 34 -1.66 -4.48 8.77
N HIS A 35 -2.25 -4.60 7.58
CA HIS A 35 -3.64 -4.20 7.37
C HIS A 35 -4.55 -5.43 7.35
N SER A 36 -5.78 -5.25 7.84
CA SER A 36 -6.74 -6.34 7.88
C SER A 36 -8.06 -5.93 7.21
N GLY A 37 -8.15 -6.18 5.91
CA GLY A 37 -9.36 -5.83 5.18
C GLY A 37 -10.00 -4.55 5.70
N GLU A 38 -9.19 -3.51 5.87
CA GLU A 38 -9.69 -2.23 6.36
C GLU A 38 -10.19 -1.35 5.22
N LYS A 39 -11.38 -0.79 5.38
CA LYS A 39 -11.96 0.07 4.36
C LYS A 39 -11.88 1.54 4.77
N PRO A 40 -11.83 2.43 3.77
CA PRO A 40 -11.75 3.88 4.00
C PRO A 40 -13.05 4.44 4.57
N SER A 41 -12.99 4.94 5.80
CA SER A 41 -14.17 5.50 6.45
C SER A 41 -13.94 6.96 6.82
N GLY A 42 -12.90 7.21 7.62
CA GLY A 42 -12.59 8.57 8.02
C GLY A 42 -12.48 8.71 9.53
N PRO A 43 -11.29 8.42 10.07
CA PRO A 43 -11.02 8.50 11.51
C PRO A 43 -11.00 9.95 12.01
N SER A 44 -11.04 10.12 13.33
CA SER A 44 -11.03 11.44 13.92
C SER A 44 -9.70 11.71 14.61
N SER A 45 -9.23 12.95 14.52
CA SER A 45 -7.95 13.35 15.12
C SER A 45 -8.13 13.65 16.60
N GLY A 46 -7.16 13.23 17.40
CA GLY A 46 -7.23 13.47 18.84
C GLY A 46 -5.86 13.55 19.48
ZN ZN B . -0.18 -0.47 3.68
N GLY A 1 -6.93 19.86 -18.91
CA GLY A 1 -6.16 19.97 -17.68
C GLY A 1 -5.52 18.67 -17.27
N SER A 2 -4.19 18.59 -17.39
CA SER A 2 -3.46 17.39 -17.04
C SER A 2 -2.15 17.74 -16.32
N SER A 3 -1.86 17.01 -15.25
CA SER A 3 -0.64 17.24 -14.48
C SER A 3 0.41 16.19 -14.79
N GLY A 4 0.55 15.86 -16.08
CA GLY A 4 1.52 14.87 -16.49
C GLY A 4 1.67 13.75 -15.48
N SER A 5 0.69 12.85 -15.45
CA SER A 5 0.71 11.72 -14.52
C SER A 5 -0.02 10.52 -15.10
N SER A 6 0.72 9.46 -15.41
CA SER A 6 0.15 8.25 -15.98
C SER A 6 -0.01 7.17 -14.91
N GLY A 7 1.10 6.82 -14.26
CA GLY A 7 1.06 5.80 -13.23
C GLY A 7 1.50 4.44 -13.74
N THR A 8 2.54 4.42 -14.57
CA THR A 8 3.05 3.18 -15.13
C THR A 8 4.56 3.22 -15.29
N GLY A 9 5.24 2.19 -14.80
CA GLY A 9 6.68 2.13 -14.90
C GLY A 9 7.34 1.80 -13.57
N GLU A 10 7.90 2.82 -12.92
CA GLU A 10 8.57 2.62 -11.63
C GLU A 10 7.57 2.71 -10.49
N LYS A 11 7.86 1.98 -9.41
CA LYS A 11 6.98 1.97 -8.24
C LYS A 11 5.56 1.58 -8.62
N PRO A 12 5.43 0.55 -9.47
CA PRO A 12 4.14 0.06 -9.93
C PRO A 12 3.34 -0.62 -8.81
N TYR A 13 3.91 -0.63 -7.61
CA TYR A 13 3.26 -1.25 -6.47
C TYR A 13 3.05 -0.24 -5.34
N GLU A 14 1.82 -0.18 -4.85
CA GLU A 14 1.49 0.75 -3.77
C GLU A 14 0.28 0.25 -2.97
N CYS A 15 0.30 0.50 -1.66
CA CYS A 15 -0.78 0.06 -0.79
C CYS A 15 -2.06 0.85 -1.07
N ASP A 16 -3.12 0.54 -0.33
CA ASP A 16 -4.40 1.22 -0.50
C ASP A 16 -4.84 1.88 0.81
N VAL A 17 -4.79 1.11 1.88
CA VAL A 17 -5.19 1.63 3.19
C VAL A 17 -4.29 2.78 3.63
N CYS A 18 -2.98 2.56 3.57
CA CYS A 18 -2.01 3.58 3.96
C CYS A 18 -1.45 4.29 2.74
N ARG A 19 -1.56 3.63 1.59
CA ARG A 19 -1.06 4.20 0.33
C ARG A 19 0.45 4.40 0.39
N LYS A 20 1.17 3.35 0.78
CA LYS A 20 2.62 3.41 0.89
C LYS A 20 3.27 2.93 -0.41
N ALA A 21 4.45 3.47 -0.70
CA ALA A 21 5.18 3.11 -1.91
C ALA A 21 6.25 2.07 -1.60
N PHE A 22 6.45 1.14 -2.54
CA PHE A 22 7.45 0.08 -2.36
C PHE A 22 8.22 -0.14 -3.66
N SER A 23 9.48 -0.55 -3.52
CA SER A 23 10.34 -0.79 -4.67
C SER A 23 10.20 -2.23 -5.16
N HIS A 24 10.21 -3.17 -4.22
CA HIS A 24 10.08 -4.59 -4.56
C HIS A 24 8.66 -5.07 -4.29
N HIS A 25 8.04 -5.64 -5.32
CA HIS A 25 6.68 -6.15 -5.20
C HIS A 25 6.48 -6.87 -3.87
N ALA A 26 7.46 -7.69 -3.50
CA ALA A 26 7.39 -8.44 -2.25
C ALA A 26 7.09 -7.51 -1.08
N SER A 27 7.89 -6.46 -0.94
CA SER A 27 7.71 -5.50 0.15
C SER A 27 6.24 -5.20 0.37
N LEU A 28 5.45 -5.30 -0.70
CA LEU A 28 4.02 -5.03 -0.63
C LEU A 28 3.26 -6.25 -0.11
N THR A 29 3.40 -7.36 -0.82
CA THR A 29 2.73 -8.61 -0.45
C THR A 29 2.99 -8.94 1.02
N GLN A 30 4.07 -8.38 1.57
CA GLN A 30 4.43 -8.61 2.97
C GLN A 30 3.83 -7.55 3.87
N HIS A 31 4.06 -6.29 3.53
CA HIS A 31 3.54 -5.18 4.32
C HIS A 31 2.03 -5.24 4.41
N GLN A 32 1.37 -5.45 3.27
CA GLN A 32 -0.09 -5.54 3.24
C GLN A 32 -0.62 -6.26 4.45
N ARG A 33 0.18 -7.17 5.01
CA ARG A 33 -0.22 -7.93 6.18
C ARG A 33 -0.76 -7.01 7.27
N VAL A 34 0.04 -6.01 7.64
CA VAL A 34 -0.35 -5.06 8.68
C VAL A 34 -1.82 -4.69 8.55
N HIS A 35 -2.35 -4.79 7.33
CA HIS A 35 -3.75 -4.45 7.06
C HIS A 35 -4.57 -5.72 6.84
N SER A 36 -4.92 -6.39 7.94
CA SER A 36 -5.70 -7.61 7.86
C SER A 36 -6.67 -7.71 9.04
N GLY A 37 -7.78 -8.41 8.83
CA GLY A 37 -8.77 -8.57 9.89
C GLY A 37 -8.30 -9.49 10.99
N GLU A 38 -8.14 -8.94 12.19
CA GLU A 38 -7.69 -9.72 13.34
C GLU A 38 -8.87 -10.09 14.23
N LYS A 39 -8.65 -11.10 15.09
CA LYS A 39 -9.70 -11.56 15.99
C LYS A 39 -9.33 -11.24 17.44
N PRO A 40 -9.54 -9.98 17.84
CA PRO A 40 -9.23 -9.52 19.20
C PRO A 40 -10.19 -10.12 20.23
N SER A 41 -11.32 -10.63 19.77
CA SER A 41 -12.32 -11.21 20.66
C SER A 41 -13.23 -12.16 19.88
N GLY A 42 -13.68 -13.22 20.55
CA GLY A 42 -14.57 -14.17 19.91
C GLY A 42 -14.56 -15.53 20.61
N PRO A 43 -14.96 -16.58 19.88
CA PRO A 43 -15.01 -17.94 20.41
C PRO A 43 -13.63 -18.52 20.64
N SER A 44 -13.56 -19.64 21.36
CA SER A 44 -12.30 -20.28 21.67
C SER A 44 -11.83 -21.12 20.49
N SER A 45 -11.85 -20.53 19.30
CA SER A 45 -11.42 -21.22 18.08
C SER A 45 -10.81 -20.24 17.09
N GLY A 46 -9.49 -20.34 16.92
CA GLY A 46 -8.80 -19.46 15.99
C GLY A 46 -7.44 -19.99 15.59
ZN ZN B . -0.28 -0.22 3.90
N GLY A 1 -6.51 23.74 -0.03
CA GLY A 1 -6.24 22.33 -0.25
C GLY A 1 -6.77 21.84 -1.60
N SER A 2 -6.31 22.49 -2.67
CA SER A 2 -6.74 22.12 -4.02
C SER A 2 -5.63 21.39 -4.76
N SER A 3 -6.01 20.65 -5.80
CA SER A 3 -5.04 19.90 -6.59
C SER A 3 -4.37 20.80 -7.61
N GLY A 4 -3.94 21.98 -7.16
CA GLY A 4 -3.28 22.92 -8.05
C GLY A 4 -1.94 22.41 -8.53
N SER A 5 -1.17 21.82 -7.64
CA SER A 5 0.15 21.29 -7.98
C SER A 5 0.06 19.81 -8.33
N SER A 6 -0.13 19.52 -9.61
CA SER A 6 -0.23 18.14 -10.09
C SER A 6 1.02 17.74 -10.87
N GLY A 7 1.95 17.09 -10.19
CA GLY A 7 3.18 16.66 -10.83
C GLY A 7 3.14 15.20 -11.24
N THR A 8 4.25 14.50 -11.05
CA THR A 8 4.34 13.09 -11.41
C THR A 8 4.69 12.23 -10.20
N GLY A 9 4.07 11.07 -10.11
CA GLY A 9 4.34 10.17 -9.00
C GLY A 9 3.75 8.79 -9.21
N GLU A 10 4.50 7.93 -9.89
CA GLU A 10 4.06 6.57 -10.16
C GLU A 10 5.03 5.55 -9.58
N LYS A 11 4.67 4.27 -9.69
CA LYS A 11 5.51 3.19 -9.19
C LYS A 11 4.93 1.84 -9.55
N PRO A 12 5.80 0.81 -9.60
CA PRO A 12 5.40 -0.56 -9.94
C PRO A 12 4.56 -1.20 -8.84
N TYR A 13 4.73 -0.72 -7.61
CA TYR A 13 3.99 -1.24 -6.48
C TYR A 13 3.52 -0.12 -5.56
N GLU A 14 2.46 -0.39 -4.80
CA GLU A 14 1.92 0.60 -3.89
C GLU A 14 0.79 0.00 -3.03
N CYS A 15 0.66 0.48 -1.81
CA CYS A 15 -0.37 0.00 -0.90
C CYS A 15 -1.68 0.75 -1.11
N ASP A 16 -2.73 0.01 -1.42
CA ASP A 16 -4.05 0.61 -1.64
C ASP A 16 -4.75 0.89 -0.32
N VAL A 17 -3.99 0.84 0.77
CA VAL A 17 -4.54 1.09 2.10
C VAL A 17 -3.90 2.31 2.74
N CYS A 18 -2.59 2.47 2.54
CA CYS A 18 -1.86 3.59 3.09
C CYS A 18 -1.20 4.41 1.99
N ARG A 19 -1.29 3.92 0.76
CA ARG A 19 -0.71 4.60 -0.39
C ARG A 19 0.81 4.69 -0.25
N LYS A 20 1.43 3.59 0.18
CA LYS A 20 2.88 3.56 0.37
C LYS A 20 3.57 3.08 -0.90
N ALA A 21 4.90 2.99 -0.85
CA ALA A 21 5.68 2.54 -2.00
C ALA A 21 6.76 1.55 -1.56
N PHE A 22 7.07 0.61 -2.44
CA PHE A 22 8.09 -0.40 -2.16
C PHE A 22 8.92 -0.70 -3.40
N SER A 23 9.99 -1.48 -3.21
CA SER A 23 10.87 -1.83 -4.31
C SER A 23 10.65 -3.30 -4.73
N HIS A 24 10.55 -4.18 -3.75
CA HIS A 24 10.34 -5.59 -4.01
C HIS A 24 8.86 -5.95 -3.94
N HIS A 25 8.33 -6.47 -5.04
CA HIS A 25 6.92 -6.85 -5.09
C HIS A 25 6.47 -7.49 -3.79
N ALA A 26 7.17 -8.54 -3.37
CA ALA A 26 6.85 -9.23 -2.14
C ALA A 26 6.72 -8.25 -0.97
N SER A 27 7.76 -7.45 -0.78
CA SER A 27 7.78 -6.47 0.31
C SER A 27 6.40 -5.84 0.48
N LEU A 28 5.65 -5.77 -0.61
CA LEU A 28 4.32 -5.17 -0.58
C LEU A 28 3.30 -6.17 -0.02
N THR A 29 3.22 -7.33 -0.64
CA THR A 29 2.28 -8.37 -0.20
C THR A 29 2.52 -8.74 1.25
N GLN A 30 3.71 -8.43 1.76
CA GLN A 30 4.06 -8.73 3.14
C GLN A 30 3.69 -7.56 4.06
N HIS A 31 3.84 -6.34 3.55
CA HIS A 31 3.52 -5.15 4.33
C HIS A 31 2.01 -5.05 4.59
N GLN A 32 1.23 -5.18 3.52
CA GLN A 32 -0.22 -5.11 3.64
C GLN A 32 -0.71 -5.83 4.89
N ARG A 33 -0.04 -6.93 5.24
CA ARG A 33 -0.40 -7.71 6.42
C ARG A 33 -0.84 -6.79 7.56
N VAL A 34 0.02 -5.83 7.90
CA VAL A 34 -0.27 -4.89 8.97
C VAL A 34 -1.75 -4.51 8.98
N HIS A 35 -2.29 -4.24 7.80
CA HIS A 35 -3.70 -3.86 7.67
C HIS A 35 -4.60 -5.10 7.67
N SER A 36 -5.55 -5.13 8.59
CA SER A 36 -6.47 -6.25 8.69
C SER A 36 -7.91 -5.79 8.53
N GLY A 37 -8.31 -4.82 9.34
CA GLY A 37 -9.66 -4.30 9.27
C GLY A 37 -9.93 -3.21 10.30
N GLU A 38 -9.20 -3.28 11.42
CA GLU A 38 -9.37 -2.29 12.48
C GLU A 38 -10.81 -2.26 12.99
N LYS A 39 -11.39 -3.45 13.14
CA LYS A 39 -12.76 -3.57 13.61
C LYS A 39 -13.02 -2.59 14.76
N PRO A 40 -14.18 -1.93 14.72
CA PRO A 40 -14.58 -0.96 15.74
C PRO A 40 -14.90 -1.63 17.08
N SER A 41 -13.87 -1.88 17.87
CA SER A 41 -14.04 -2.51 19.18
C SER A 41 -15.04 -1.74 20.03
N GLY A 42 -15.44 -2.34 21.15
CA GLY A 42 -16.38 -1.70 22.04
C GLY A 42 -16.74 -2.56 23.24
N PRO A 43 -17.71 -3.46 23.04
CA PRO A 43 -18.17 -4.37 24.09
C PRO A 43 -17.13 -5.42 24.44
N SER A 44 -16.92 -5.63 25.75
CA SER A 44 -15.95 -6.61 26.22
C SER A 44 -16.50 -8.03 26.10
N SER A 45 -15.61 -9.01 26.19
CA SER A 45 -16.00 -10.41 26.08
C SER A 45 -16.65 -10.70 24.73
N GLY A 46 -16.02 -10.20 23.67
CA GLY A 46 -16.56 -10.41 22.34
C GLY A 46 -15.92 -11.60 21.64
ZN ZN B . 0.01 -0.27 3.80
N GLY A 1 3.25 23.08 -15.49
CA GLY A 1 3.57 22.06 -14.51
C GLY A 1 3.31 20.65 -15.03
N SER A 2 2.07 20.19 -14.88
CA SER A 2 1.69 18.86 -15.33
C SER A 2 1.35 18.87 -16.81
N SER A 3 2.16 18.19 -17.61
CA SER A 3 1.94 18.12 -19.05
C SER A 3 1.18 16.85 -19.43
N GLY A 4 -0.14 16.96 -19.49
CA GLY A 4 -0.97 15.82 -19.84
C GLY A 4 -1.36 14.99 -18.63
N SER A 5 -2.54 14.39 -18.69
CA SER A 5 -3.03 13.57 -17.58
C SER A 5 -2.03 12.47 -17.23
N SER A 6 -1.18 12.75 -16.25
CA SER A 6 -0.17 11.80 -15.82
C SER A 6 -0.82 10.53 -15.27
N GLY A 7 -1.80 10.72 -14.37
CA GLY A 7 -2.49 9.58 -13.79
C GLY A 7 -1.77 9.04 -12.56
N THR A 8 -2.30 7.95 -12.01
CA THR A 8 -1.71 7.33 -10.83
C THR A 8 -0.85 6.14 -11.21
N GLY A 9 0.34 6.05 -10.60
CA GLY A 9 1.24 4.95 -10.90
C GLY A 9 2.69 5.32 -10.67
N GLU A 10 2.99 5.85 -9.49
CA GLU A 10 4.36 6.25 -9.16
C GLU A 10 5.28 5.03 -9.14
N LYS A 11 4.71 3.85 -8.93
CA LYS A 11 5.48 2.62 -8.89
C LYS A 11 4.58 1.41 -9.12
N PRO A 12 5.19 0.29 -9.53
CA PRO A 12 4.47 -0.96 -9.80
C PRO A 12 3.93 -1.60 -8.52
N TYR A 13 4.47 -1.18 -7.38
CA TYR A 13 4.03 -1.71 -6.10
C TYR A 13 3.63 -0.59 -5.14
N GLU A 14 2.35 -0.54 -4.81
CA GLU A 14 1.84 0.50 -3.90
C GLU A 14 0.66 -0.02 -3.11
N CYS A 15 0.49 0.49 -1.90
CA CYS A 15 -0.60 0.08 -1.02
C CYS A 15 -1.83 0.96 -1.24
N ASP A 16 -2.97 0.32 -1.46
CA ASP A 16 -4.22 1.04 -1.69
C ASP A 16 -4.89 1.40 -0.35
N VAL A 17 -4.08 1.49 0.70
CA VAL A 17 -4.60 1.83 2.02
C VAL A 17 -3.80 2.98 2.64
N CYS A 18 -2.48 2.88 2.60
CA CYS A 18 -1.62 3.91 3.16
C CYS A 18 -0.83 4.60 2.05
N ARG A 19 -0.91 4.05 0.84
CA ARG A 19 -0.19 4.62 -0.30
C ARG A 19 1.31 4.59 -0.07
N LYS A 20 1.82 3.44 0.34
CA LYS A 20 3.25 3.27 0.60
C LYS A 20 3.93 2.57 -0.57
N ALA A 21 5.00 3.18 -1.07
CA ALA A 21 5.74 2.60 -2.19
C ALA A 21 6.83 1.65 -1.69
N PHE A 22 7.10 0.60 -2.47
CA PHE A 22 8.10 -0.38 -2.12
C PHE A 22 9.02 -0.68 -3.30
N SER A 23 10.27 -1.01 -3.02
CA SER A 23 11.24 -1.32 -4.06
C SER A 23 10.89 -2.62 -4.76
N HIS A 24 10.74 -3.69 -3.97
CA HIS A 24 10.41 -5.00 -4.52
C HIS A 24 8.91 -5.27 -4.40
N HIS A 25 8.44 -6.29 -5.10
CA HIS A 25 7.03 -6.66 -5.08
C HIS A 25 6.66 -7.36 -3.77
N ALA A 26 7.52 -8.28 -3.34
CA ALA A 26 7.30 -9.02 -2.11
C ALA A 26 7.02 -8.07 -0.94
N SER A 27 7.91 -7.11 -0.74
CA SER A 27 7.77 -6.14 0.33
C SER A 27 6.32 -5.66 0.44
N LEU A 28 5.60 -5.68 -0.68
CA LEU A 28 4.22 -5.25 -0.71
C LEU A 28 3.30 -6.34 -0.19
N THR A 29 3.34 -7.51 -0.83
CA THR A 29 2.51 -8.64 -0.43
C THR A 29 2.69 -8.95 1.05
N GLN A 30 3.79 -8.48 1.62
CA GLN A 30 4.07 -8.71 3.04
C GLN A 30 3.49 -7.59 3.90
N HIS A 31 3.79 -6.35 3.53
CA HIS A 31 3.30 -5.19 4.27
C HIS A 31 1.79 -5.25 4.42
N GLN A 32 1.10 -5.57 3.33
CA GLN A 32 -0.35 -5.66 3.35
C GLN A 32 -0.86 -6.22 4.67
N ARG A 33 -0.06 -7.09 5.28
CA ARG A 33 -0.43 -7.69 6.57
C ARG A 33 -0.87 -6.62 7.55
N VAL A 34 -0.04 -5.61 7.76
CA VAL A 34 -0.36 -4.53 8.68
C VAL A 34 -1.83 -4.15 8.60
N HIS A 35 -2.42 -4.38 7.44
CA HIS A 35 -3.83 -4.06 7.23
C HIS A 35 -4.69 -5.33 7.23
N SER A 36 -5.99 -5.15 7.41
CA SER A 36 -6.92 -6.27 7.44
C SER A 36 -7.84 -6.26 6.23
N GLY A 37 -8.02 -7.42 5.61
CA GLY A 37 -8.88 -7.52 4.44
C GLY A 37 -10.01 -8.50 4.64
N GLU A 38 -10.96 -8.14 5.49
CA GLU A 38 -12.11 -9.01 5.77
C GLU A 38 -11.66 -10.36 6.30
N LYS A 39 -10.69 -10.33 7.21
CA LYS A 39 -10.16 -11.56 7.80
C LYS A 39 -10.55 -11.66 9.27
N PRO A 40 -10.98 -12.86 9.69
CA PRO A 40 -11.38 -13.12 11.07
C PRO A 40 -10.20 -13.10 12.03
N SER A 41 -9.13 -13.80 11.67
CA SER A 41 -7.94 -13.87 12.51
C SER A 41 -7.43 -12.47 12.85
N GLY A 42 -7.41 -11.60 11.84
CA GLY A 42 -6.96 -10.23 12.06
C GLY A 42 -7.98 -9.38 12.78
N PRO A 43 -7.72 -8.07 12.84
CA PRO A 43 -8.62 -7.12 13.52
C PRO A 43 -9.94 -6.94 12.78
N SER A 44 -10.85 -6.16 13.36
CA SER A 44 -12.15 -5.92 12.76
C SER A 44 -12.33 -4.43 12.46
N SER A 45 -12.88 -4.14 11.29
CA SER A 45 -13.10 -2.76 10.88
C SER A 45 -14.31 -2.65 9.94
N GLY A 46 -15.14 -1.64 10.16
CA GLY A 46 -16.32 -1.45 9.33
C GLY A 46 -15.98 -0.91 7.96
ZN ZN B . -0.51 -0.03 3.68
N GLY A 1 -1.26 27.74 -7.70
CA GLY A 1 -0.79 28.70 -8.68
C GLY A 1 0.53 28.30 -9.30
N SER A 2 0.48 27.74 -10.51
CA SER A 2 1.68 27.31 -11.20
C SER A 2 2.31 26.11 -10.51
N SER A 3 1.46 25.17 -10.09
CA SER A 3 1.94 23.97 -9.40
C SER A 3 2.95 23.21 -10.27
N GLY A 4 4.22 23.43 -10.01
CA GLY A 4 5.27 22.76 -10.77
C GLY A 4 5.70 21.45 -10.13
N SER A 5 4.74 20.70 -9.61
CA SER A 5 5.03 19.43 -8.97
C SER A 5 5.69 18.47 -9.94
N SER A 6 5.18 18.42 -11.16
CA SER A 6 5.73 17.54 -12.20
C SER A 6 6.24 16.23 -11.58
N GLY A 7 5.44 15.67 -10.68
CA GLY A 7 5.83 14.43 -10.03
C GLY A 7 6.59 13.50 -10.95
N THR A 8 7.61 12.84 -10.42
CA THR A 8 8.42 11.92 -11.21
C THR A 8 7.55 10.97 -12.02
N GLY A 9 6.74 10.18 -11.31
CA GLY A 9 5.86 9.23 -11.98
C GLY A 9 5.07 8.39 -11.01
N GLU A 10 5.03 7.08 -11.27
CA GLU A 10 4.30 6.16 -10.40
C GLU A 10 5.05 4.84 -10.25
N LYS A 11 4.90 4.20 -9.11
CA LYS A 11 5.57 2.93 -8.84
C LYS A 11 4.64 1.76 -9.17
N PRO A 12 5.26 0.62 -9.54
CA PRO A 12 4.51 -0.60 -9.90
C PRO A 12 3.84 -1.24 -8.69
N TYR A 13 4.39 -0.97 -7.51
CA TYR A 13 3.84 -1.53 -6.26
C TYR A 13 3.54 -0.42 -5.26
N GLU A 14 2.27 -0.21 -4.98
CA GLU A 14 1.85 0.82 -4.04
C GLU A 14 0.65 0.33 -3.20
N CYS A 15 0.86 0.25 -1.89
CA CYS A 15 -0.19 -0.20 -0.98
C CYS A 15 -1.53 0.45 -1.35
N ASP A 16 -2.61 -0.09 -0.78
CA ASP A 16 -3.94 0.44 -1.04
C ASP A 16 -4.46 1.21 0.18
N VAL A 17 -4.10 0.76 1.36
CA VAL A 17 -4.53 1.40 2.59
C VAL A 17 -3.67 2.63 2.90
N CYS A 18 -2.38 2.40 3.12
CA CYS A 18 -1.46 3.49 3.42
C CYS A 18 -0.93 4.13 2.13
N ARG A 19 -1.02 3.39 1.03
CA ARG A 19 -0.56 3.88 -0.26
C ARG A 19 0.95 4.17 -0.23
N LYS A 20 1.71 3.24 0.34
CA LYS A 20 3.16 3.38 0.43
C LYS A 20 3.84 2.74 -0.76
N ALA A 21 5.06 3.19 -1.05
CA ALA A 21 5.83 2.66 -2.17
C ALA A 21 6.90 1.69 -1.69
N PHE A 22 7.14 0.64 -2.48
CA PHE A 22 8.14 -0.36 -2.13
C PHE A 22 9.04 -0.67 -3.33
N SER A 23 10.24 -1.17 -3.04
CA SER A 23 11.20 -1.50 -4.08
C SER A 23 10.85 -2.85 -4.73
N HIS A 24 10.57 -3.84 -3.90
CA HIS A 24 10.23 -5.17 -4.37
C HIS A 24 8.76 -5.48 -4.13
N HIS A 25 8.13 -6.13 -5.10
CA HIS A 25 6.71 -6.48 -4.99
C HIS A 25 6.43 -7.15 -3.64
N ALA A 26 7.20 -8.17 -3.31
CA ALA A 26 7.03 -8.89 -2.05
C ALA A 26 6.83 -7.92 -0.89
N SER A 27 7.81 -7.03 -0.68
CA SER A 27 7.73 -6.05 0.39
C SER A 27 6.31 -5.53 0.56
N LEU A 28 5.54 -5.56 -0.52
CA LEU A 28 4.16 -5.09 -0.50
C LEU A 28 3.22 -6.17 0.04
N THR A 29 3.22 -7.32 -0.63
CA THR A 29 2.37 -8.43 -0.22
C THR A 29 2.58 -8.77 1.25
N GLN A 30 3.79 -8.51 1.75
CA GLN A 30 4.11 -8.79 3.14
C GLN A 30 3.56 -7.70 4.05
N HIS A 31 4.00 -6.47 3.83
CA HIS A 31 3.56 -5.33 4.64
C HIS A 31 2.04 -5.25 4.67
N GLN A 32 1.42 -5.34 3.49
CA GLN A 32 -0.04 -5.29 3.39
C GLN A 32 -0.69 -5.93 4.60
N ARG A 33 -0.07 -6.98 5.12
CA ARG A 33 -0.59 -7.68 6.28
C ARG A 33 -1.14 -6.71 7.32
N VAL A 34 -0.34 -5.69 7.65
CA VAL A 34 -0.74 -4.69 8.62
C VAL A 34 -2.20 -4.30 8.43
N HIS A 35 -2.61 -4.15 7.17
CA HIS A 35 -3.97 -3.78 6.85
C HIS A 35 -4.87 -5.01 6.73
N SER A 36 -4.68 -5.95 7.66
CA SER A 36 -5.47 -7.18 7.65
C SER A 36 -6.18 -7.37 8.99
N GLY A 37 -7.51 -7.49 8.95
CA GLY A 37 -8.28 -7.68 10.15
C GLY A 37 -8.38 -6.41 10.98
N GLU A 38 -8.22 -6.55 12.29
CA GLU A 38 -8.30 -5.41 13.19
C GLU A 38 -7.03 -4.56 13.11
N LYS A 39 -7.17 -3.27 13.38
CA LYS A 39 -6.04 -2.34 13.34
C LYS A 39 -5.87 -1.62 14.68
N PRO A 40 -4.61 -1.38 15.06
CA PRO A 40 -4.28 -0.69 16.31
C PRO A 40 -4.66 0.78 16.28
N SER A 41 -5.28 1.21 15.18
CA SER A 41 -5.69 2.60 15.02
C SER A 41 -6.92 2.90 15.89
N GLY A 42 -7.02 4.14 16.34
CA GLY A 42 -8.14 4.53 17.18
C GLY A 42 -9.47 4.41 16.44
N PRO A 43 -10.48 5.15 16.92
CA PRO A 43 -11.82 5.14 16.34
C PRO A 43 -11.86 5.81 14.97
N SER A 44 -12.41 5.11 13.98
CA SER A 44 -12.50 5.64 12.63
C SER A 44 -13.05 7.06 12.63
N SER A 45 -12.82 7.79 11.54
CA SER A 45 -13.30 9.16 11.42
C SER A 45 -13.65 9.48 9.97
N GLY A 46 -14.29 10.63 9.77
CA GLY A 46 -14.67 11.05 8.43
C GLY A 46 -16.09 11.59 8.37
ZN ZN B . 0.27 -0.36 3.70
N GLY A 1 1.50 29.31 -12.55
CA GLY A 1 0.93 28.29 -13.41
C GLY A 1 0.54 27.04 -12.65
N SER A 2 0.77 25.87 -13.27
CA SER A 2 0.42 24.61 -12.66
C SER A 2 1.43 24.24 -11.57
N SER A 3 1.19 24.74 -10.35
CA SER A 3 2.08 24.48 -9.22
C SER A 3 1.36 23.67 -8.16
N GLY A 4 1.49 22.36 -8.22
CA GLY A 4 0.85 21.49 -7.24
C GLY A 4 1.19 20.02 -7.46
N SER A 5 0.27 19.14 -7.06
CA SER A 5 0.48 17.71 -7.21
C SER A 5 1.21 17.40 -8.51
N SER A 6 2.01 16.34 -8.48
CA SER A 6 2.78 15.93 -9.65
C SER A 6 2.01 14.89 -10.47
N GLY A 7 1.47 13.88 -9.78
CA GLY A 7 0.72 12.85 -10.46
C GLY A 7 0.37 11.70 -9.54
N THR A 8 -0.24 10.66 -10.09
CA THR A 8 -0.63 9.49 -9.31
C THR A 8 -0.02 8.21 -9.88
N GLY A 9 1.23 7.94 -9.50
CA GLY A 9 1.90 6.75 -9.98
C GLY A 9 3.41 6.92 -10.02
N GLU A 10 4.10 6.20 -9.12
CA GLU A 10 5.56 6.28 -9.05
C GLU A 10 6.17 4.88 -9.12
N LYS A 11 5.42 3.89 -8.65
CA LYS A 11 5.89 2.51 -8.64
C LYS A 11 4.73 1.54 -8.81
N PRO A 12 5.02 0.38 -9.42
CA PRO A 12 4.01 -0.66 -9.66
C PRO A 12 3.56 -1.34 -8.37
N TYR A 13 4.38 -1.19 -7.32
CA TYR A 13 4.06 -1.79 -6.03
C TYR A 13 3.62 -0.73 -5.03
N GLU A 14 2.33 -0.44 -5.01
CA GLU A 14 1.78 0.56 -4.11
C GLU A 14 0.67 -0.04 -3.25
N CYS A 15 0.68 0.29 -1.96
CA CYS A 15 -0.32 -0.21 -1.02
C CYS A 15 -1.66 0.49 -1.23
N ASP A 16 -2.72 -0.29 -1.33
CA ASP A 16 -4.06 0.26 -1.53
C ASP A 16 -4.71 0.59 -0.19
N VAL A 17 -3.89 0.74 0.85
CA VAL A 17 -4.38 1.06 2.18
C VAL A 17 -3.80 2.37 2.68
N CYS A 18 -2.47 2.46 2.67
CA CYS A 18 -1.78 3.67 3.12
C CYS A 18 -1.15 4.41 1.95
N ARG A 19 -1.23 3.80 0.77
CA ARG A 19 -0.66 4.41 -0.44
C ARG A 19 0.85 4.57 -0.31
N LYS A 20 1.52 3.50 0.12
CA LYS A 20 2.97 3.52 0.28
C LYS A 20 3.67 3.06 -0.99
N ALA A 21 4.99 3.00 -0.94
CA ALA A 21 5.78 2.57 -2.09
C ALA A 21 6.86 1.59 -1.68
N PHE A 22 7.03 0.53 -2.47
CA PHE A 22 8.03 -0.50 -2.18
C PHE A 22 8.85 -0.82 -3.44
N SER A 23 10.10 -1.21 -3.23
CA SER A 23 10.98 -1.55 -4.34
C SER A 23 10.62 -2.91 -4.92
N HIS A 24 10.54 -3.92 -4.06
CA HIS A 24 10.20 -5.27 -4.50
C HIS A 24 8.71 -5.52 -4.36
N HIS A 25 8.16 -6.31 -5.29
CA HIS A 25 6.74 -6.63 -5.28
C HIS A 25 6.32 -7.23 -3.94
N ALA A 26 7.10 -8.18 -3.46
CA ALA A 26 6.82 -8.84 -2.19
C ALA A 26 6.77 -7.82 -1.05
N SER A 27 7.79 -6.98 -0.97
CA SER A 27 7.86 -5.97 0.08
C SER A 27 6.49 -5.32 0.29
N LEU A 28 5.65 -5.36 -0.74
CA LEU A 28 4.32 -4.77 -0.66
C LEU A 28 3.32 -5.77 -0.06
N THR A 29 3.25 -6.95 -0.67
CA THR A 29 2.34 -7.98 -0.20
C THR A 29 2.63 -8.37 1.24
N GLN A 30 3.89 -8.22 1.64
CA GLN A 30 4.30 -8.55 3.00
C GLN A 30 3.81 -7.50 4.00
N HIS A 31 3.87 -6.24 3.59
CA HIS A 31 3.44 -5.13 4.44
C HIS A 31 1.92 -5.10 4.54
N GLN A 32 1.24 -5.25 3.41
CA GLN A 32 -0.21 -5.24 3.38
C GLN A 32 -0.79 -5.88 4.64
N ARG A 33 -0.09 -6.89 5.15
CA ARG A 33 -0.54 -7.58 6.34
C ARG A 33 -0.93 -6.59 7.44
N VAL A 34 -0.06 -5.65 7.71
CA VAL A 34 -0.31 -4.64 8.74
C VAL A 34 -1.77 -4.20 8.72
N HIS A 35 -2.40 -4.31 7.57
CA HIS A 35 -3.80 -3.93 7.42
C HIS A 35 -4.71 -5.15 7.48
N SER A 36 -5.53 -5.22 8.52
CA SER A 36 -6.45 -6.33 8.70
C SER A 36 -7.01 -6.81 7.37
N GLY A 37 -6.95 -8.12 7.13
CA GLY A 37 -7.44 -8.68 5.88
C GLY A 37 -8.66 -9.56 6.10
N GLU A 38 -8.98 -10.37 5.09
CA GLU A 38 -10.13 -11.27 5.17
C GLU A 38 -11.31 -10.58 5.84
N LYS A 39 -11.53 -9.31 5.48
CA LYS A 39 -12.63 -8.54 6.04
C LYS A 39 -13.98 -9.08 5.57
N PRO A 40 -14.98 -9.04 6.46
CA PRO A 40 -16.33 -9.53 6.16
C PRO A 40 -17.05 -8.63 5.15
N SER A 41 -16.46 -7.47 4.87
CA SER A 41 -17.05 -6.53 3.93
C SER A 41 -18.35 -5.95 4.49
N GLY A 42 -18.34 -5.59 5.77
CA GLY A 42 -19.52 -5.03 6.40
C GLY A 42 -20.15 -3.94 5.57
N PRO A 43 -21.49 -3.84 5.64
CA PRO A 43 -22.25 -2.83 4.89
C PRO A 43 -22.02 -1.42 5.43
N SER A 44 -21.14 -1.30 6.42
CA SER A 44 -20.83 -0.01 7.02
C SER A 44 -22.11 0.75 7.38
N SER A 45 -23.09 0.02 7.89
CA SER A 45 -24.37 0.62 8.28
C SER A 45 -24.82 1.63 7.22
N GLY A 46 -24.66 1.28 5.95
CA GLY A 46 -25.05 2.16 4.87
C GLY A 46 -25.80 1.42 3.78
ZN ZN B . -0.13 -0.13 3.69
N GLY A 1 -0.69 17.51 -2.75
CA GLY A 1 0.59 16.98 -3.20
C GLY A 1 0.44 16.13 -4.46
N SER A 2 1.58 15.72 -5.02
CA SER A 2 1.59 14.92 -6.23
C SER A 2 2.96 14.28 -6.45
N SER A 3 2.96 13.10 -7.04
CA SER A 3 4.20 12.37 -7.32
C SER A 3 4.06 11.48 -8.54
N GLY A 4 5.15 10.83 -8.92
CA GLY A 4 5.13 9.95 -10.07
C GLY A 4 6.34 10.12 -10.96
N SER A 5 7.40 9.37 -10.66
CA SER A 5 8.63 9.45 -11.43
C SER A 5 8.48 8.73 -12.77
N SER A 6 9.26 9.17 -13.76
CA SER A 6 9.20 8.57 -15.09
C SER A 6 10.53 7.90 -15.43
N GLY A 7 11.11 7.19 -14.46
CA GLY A 7 12.37 6.52 -14.69
C GLY A 7 13.18 6.37 -13.42
N THR A 8 14.46 6.07 -13.56
CA THR A 8 15.35 5.90 -12.42
C THR A 8 14.70 5.04 -11.34
N GLY A 9 14.00 3.99 -11.77
CA GLY A 9 13.33 3.11 -10.83
C GLY A 9 11.85 2.97 -11.10
N GLU A 10 11.29 1.83 -10.74
CA GLU A 10 9.87 1.57 -10.96
C GLU A 10 9.15 1.33 -9.63
N LYS A 11 8.12 2.12 -9.37
CA LYS A 11 7.34 2.00 -8.15
C LYS A 11 5.86 1.87 -8.45
N PRO A 12 5.52 0.97 -9.39
CA PRO A 12 4.14 0.72 -9.79
C PRO A 12 3.33 0.02 -8.70
N TYR A 13 3.97 -0.22 -7.56
CA TYR A 13 3.31 -0.88 -6.44
C TYR A 13 2.86 0.13 -5.40
N GLU A 14 1.64 -0.06 -4.89
CA GLU A 14 1.09 0.84 -3.89
C GLU A 14 0.06 0.12 -3.02
N CYS A 15 -0.02 0.52 -1.75
CA CYS A 15 -0.95 -0.09 -0.82
C CYS A 15 -2.38 0.39 -1.08
N ASP A 16 -3.33 -0.11 -0.30
CA ASP A 16 -4.72 0.27 -0.44
C ASP A 16 -5.26 0.87 0.85
N VAL A 17 -4.60 0.57 1.96
CA VAL A 17 -5.00 1.08 3.26
C VAL A 17 -4.31 2.39 3.58
N CYS A 18 -3.01 2.45 3.32
CA CYS A 18 -2.23 3.65 3.58
C CYS A 18 -1.68 4.24 2.28
N ARG A 19 -1.96 3.55 1.18
CA ARG A 19 -1.49 4.00 -0.13
C ARG A 19 0.00 4.32 -0.10
N LYS A 20 0.78 3.41 0.48
CA LYS A 20 2.23 3.59 0.58
C LYS A 20 2.91 3.21 -0.73
N ALA A 21 4.20 3.51 -0.83
CA ALA A 21 4.96 3.20 -2.03
C ALA A 21 6.09 2.22 -1.73
N PHE A 22 6.33 1.30 -2.65
CA PHE A 22 7.38 0.29 -2.48
C PHE A 22 8.15 0.10 -3.78
N SER A 23 9.29 -0.59 -3.68
CA SER A 23 10.13 -0.83 -4.84
C SER A 23 10.36 -2.34 -5.04
N HIS A 24 9.33 -3.13 -4.73
CA HIS A 24 9.41 -4.58 -4.87
C HIS A 24 8.06 -5.22 -4.63
N HIS A 25 7.50 -5.84 -5.66
CA HIS A 25 6.22 -6.51 -5.56
C HIS A 25 6.02 -7.11 -4.17
N ALA A 26 7.02 -7.87 -3.72
CA ALA A 26 6.96 -8.51 -2.41
C ALA A 26 6.93 -7.47 -1.30
N SER A 27 7.82 -6.48 -1.38
CA SER A 27 7.89 -5.43 -0.38
C SER A 27 6.50 -4.86 -0.09
N LEU A 28 5.57 -5.08 -1.01
CA LEU A 28 4.21 -4.59 -0.86
C LEU A 28 3.34 -5.60 -0.10
N THR A 29 3.33 -6.83 -0.59
CA THR A 29 2.55 -7.90 0.04
C THR A 29 2.97 -8.10 1.49
N GLN A 30 4.28 -8.10 1.72
CA GLN A 30 4.81 -8.29 3.06
C GLN A 30 4.25 -7.26 4.03
N HIS A 31 4.12 -6.02 3.57
CA HIS A 31 3.59 -4.94 4.40
C HIS A 31 2.08 -5.09 4.56
N GLN A 32 1.38 -5.30 3.44
CA GLN A 32 -0.07 -5.45 3.47
C GLN A 32 -0.52 -6.25 4.68
N ARG A 33 0.32 -7.18 5.12
CA ARG A 33 0.03 -8.01 6.28
C ARG A 33 -0.46 -7.16 7.45
N VAL A 34 0.26 -6.08 7.72
CA VAL A 34 -0.10 -5.18 8.81
C VAL A 34 -1.60 -4.90 8.83
N HIS A 35 -2.18 -4.74 7.65
CA HIS A 35 -3.61 -4.47 7.52
C HIS A 35 -4.40 -5.78 7.47
N SER A 36 -3.96 -6.77 8.23
CA SER A 36 -4.62 -8.07 8.27
C SER A 36 -5.66 -8.12 9.39
N GLY A 37 -5.31 -7.57 10.54
CA GLY A 37 -6.22 -7.55 11.67
C GLY A 37 -5.87 -8.60 12.71
N GLU A 38 -5.40 -8.16 13.87
CA GLU A 38 -5.03 -9.08 14.94
C GLU A 38 -6.21 -9.32 15.88
N LYS A 39 -7.41 -9.46 15.30
CA LYS A 39 -8.61 -9.69 16.09
C LYS A 39 -9.71 -10.31 15.23
N PRO A 40 -10.60 -11.08 15.87
CA PRO A 40 -11.71 -11.75 15.17
C PRO A 40 -12.76 -10.75 14.69
N SER A 41 -12.57 -9.48 15.00
CA SER A 41 -13.49 -8.44 14.59
C SER A 41 -12.93 -7.63 13.43
N GLY A 42 -13.80 -6.87 12.76
CA GLY A 42 -13.38 -6.06 11.64
C GLY A 42 -14.09 -6.44 10.35
N PRO A 43 -14.22 -5.47 9.44
CA PRO A 43 -14.89 -5.68 8.15
C PRO A 43 -14.08 -6.58 7.22
N SER A 44 -14.56 -6.72 5.99
CA SER A 44 -13.88 -7.56 5.01
C SER A 44 -13.60 -6.78 3.72
N SER A 45 -12.79 -7.36 2.84
CA SER A 45 -12.45 -6.72 1.57
C SER A 45 -12.34 -7.75 0.45
N GLY A 46 -12.45 -7.27 -0.78
CA GLY A 46 -12.36 -8.16 -1.93
C GLY A 46 -13.31 -7.76 -3.04
ZN ZN B . -0.54 -0.09 3.97
N GLY A 1 2.91 18.59 -26.19
CA GLY A 1 3.98 18.51 -25.21
C GLY A 1 3.59 19.09 -23.88
N SER A 2 4.48 19.88 -23.28
CA SER A 2 4.22 20.50 -21.99
C SER A 2 3.64 19.49 -21.01
N SER A 3 4.19 18.28 -21.01
CA SER A 3 3.73 17.22 -20.13
C SER A 3 4.12 17.51 -18.68
N GLY A 4 3.23 17.18 -17.75
CA GLY A 4 3.49 17.42 -16.35
C GLY A 4 2.30 17.10 -15.48
N SER A 5 2.48 16.16 -14.55
CA SER A 5 1.41 15.77 -13.64
C SER A 5 1.92 15.67 -12.20
N SER A 6 0.99 15.48 -11.26
CA SER A 6 1.34 15.38 -9.85
C SER A 6 1.81 13.97 -9.51
N GLY A 7 3.08 13.69 -9.77
CA GLY A 7 3.63 12.38 -9.48
C GLY A 7 4.93 12.12 -10.23
N THR A 8 6.04 12.26 -9.51
CA THR A 8 7.35 12.04 -10.10
C THR A 8 7.72 10.57 -10.10
N GLY A 9 7.91 10.01 -11.29
CA GLY A 9 8.27 8.61 -11.41
C GLY A 9 7.40 7.72 -10.53
N GLU A 10 6.34 7.17 -11.11
CA GLU A 10 5.44 6.30 -10.38
C GLU A 10 6.15 5.05 -9.89
N LYS A 11 5.40 4.13 -9.29
CA LYS A 11 5.97 2.89 -8.77
C LYS A 11 5.14 1.69 -9.21
N PRO A 12 5.82 0.57 -9.51
CA PRO A 12 5.17 -0.67 -9.94
C PRO A 12 4.38 -1.32 -8.82
N TYR A 13 4.59 -0.86 -7.59
CA TYR A 13 3.89 -1.40 -6.44
C TYR A 13 3.58 -0.30 -5.41
N GLU A 14 2.30 -0.19 -5.06
CA GLU A 14 1.87 0.82 -4.09
C GLU A 14 0.60 0.38 -3.37
N CYS A 15 0.67 0.27 -2.06
CA CYS A 15 -0.47 -0.14 -1.26
C CYS A 15 -1.70 0.72 -1.57
N ASP A 16 -2.85 0.31 -1.07
CA ASP A 16 -4.09 1.04 -1.28
C ASP A 16 -4.67 1.55 0.03
N VAL A 17 -4.40 0.82 1.10
CA VAL A 17 -4.89 1.21 2.43
C VAL A 17 -4.08 2.36 3.01
N CYS A 18 -2.78 2.35 2.72
CA CYS A 18 -1.89 3.39 3.22
C CYS A 18 -1.23 4.14 2.07
N ARG A 19 -1.26 3.52 0.88
CA ARG A 19 -0.67 4.13 -0.30
C ARG A 19 0.84 4.22 -0.17
N LYS A 20 1.44 3.23 0.48
CA LYS A 20 2.88 3.20 0.68
C LYS A 20 3.60 2.85 -0.62
N ALA A 21 4.93 2.82 -0.57
CA ALA A 21 5.74 2.50 -1.74
C ALA A 21 6.65 1.31 -1.47
N PHE A 22 6.87 0.50 -2.50
CA PHE A 22 7.73 -0.67 -2.37
C PHE A 22 8.29 -1.09 -3.73
N SER A 23 9.61 -0.96 -3.88
CA SER A 23 10.27 -1.31 -5.14
C SER A 23 10.00 -2.76 -5.50
N HIS A 24 10.05 -3.64 -4.50
CA HIS A 24 9.81 -5.06 -4.72
C HIS A 24 8.44 -5.47 -4.18
N HIS A 25 7.65 -6.11 -5.03
CA HIS A 25 6.31 -6.56 -4.63
C HIS A 25 6.33 -7.16 -3.24
N ALA A 26 7.15 -8.19 -3.05
CA ALA A 26 7.25 -8.86 -1.75
C ALA A 26 7.05 -7.87 -0.61
N SER A 27 7.91 -6.84 -0.56
CA SER A 27 7.82 -5.84 0.48
C SER A 27 6.37 -5.42 0.72
N LEU A 28 5.63 -5.21 -0.37
CA LEU A 28 4.23 -4.81 -0.27
C LEU A 28 3.35 -6.00 0.10
N THR A 29 3.62 -7.15 -0.51
CA THR A 29 2.84 -8.36 -0.24
C THR A 29 2.83 -8.68 1.25
N GLN A 30 4.01 -8.64 1.86
CA GLN A 30 4.14 -8.93 3.29
C GLN A 30 3.61 -7.77 4.12
N HIS A 31 3.87 -6.56 3.66
CA HIS A 31 3.42 -5.36 4.38
C HIS A 31 1.91 -5.34 4.51
N GLN A 32 1.21 -5.62 3.41
CA GLN A 32 -0.26 -5.64 3.42
C GLN A 32 -0.78 -6.22 4.72
N ARG A 33 -0.04 -7.15 5.31
CA ARG A 33 -0.44 -7.79 6.55
C ARG A 33 -0.81 -6.74 7.60
N VAL A 34 0.06 -5.75 7.77
CA VAL A 34 -0.18 -4.68 8.74
C VAL A 34 -1.64 -4.25 8.73
N HIS A 35 -2.30 -4.45 7.59
CA HIS A 35 -3.71 -4.08 7.45
C HIS A 35 -4.61 -5.30 7.60
N SER A 36 -4.92 -5.66 8.84
CA SER A 36 -5.76 -6.82 9.11
C SER A 36 -7.07 -6.38 9.78
N GLY A 37 -8.20 -6.76 9.19
CA GLY A 37 -9.48 -6.41 9.74
C GLY A 37 -10.32 -7.63 10.08
N GLU A 38 -10.39 -7.97 11.36
CA GLU A 38 -11.16 -9.13 11.80
C GLU A 38 -11.91 -8.81 13.10
N LYS A 39 -13.06 -9.44 13.27
CA LYS A 39 -13.88 -9.23 14.46
C LYS A 39 -15.05 -10.21 14.51
N PRO A 40 -15.51 -10.53 15.73
CA PRO A 40 -16.62 -11.46 15.93
C PRO A 40 -17.95 -10.87 15.47
N SER A 41 -19.04 -11.60 15.71
CA SER A 41 -20.37 -11.16 15.32
C SER A 41 -20.65 -9.75 15.85
N GLY A 42 -20.29 -9.52 17.11
CA GLY A 42 -20.50 -8.21 17.71
C GLY A 42 -19.68 -8.02 18.97
N PRO A 43 -18.42 -7.61 18.80
CA PRO A 43 -17.50 -7.38 19.92
C PRO A 43 -17.89 -6.15 20.73
N SER A 44 -17.81 -6.28 22.06
CA SER A 44 -18.16 -5.17 22.95
C SER A 44 -17.87 -5.54 24.40
N SER A 45 -16.88 -4.87 24.99
CA SER A 45 -16.51 -5.12 26.37
C SER A 45 -16.49 -6.62 26.66
N GLY A 46 -15.94 -7.39 25.72
CA GLY A 46 -15.87 -8.83 25.89
C GLY A 46 -14.45 -9.32 26.12
ZN ZN B . -0.39 -0.44 3.45
N GLY A 1 -4.48 20.72 -12.88
CA GLY A 1 -3.73 20.83 -11.64
C GLY A 1 -2.81 19.64 -11.42
N SER A 2 -1.61 19.70 -12.00
CA SER A 2 -0.65 18.62 -11.87
C SER A 2 -0.41 18.27 -10.41
N SER A 3 -0.21 19.31 -9.58
CA SER A 3 0.04 19.11 -8.16
C SER A 3 1.05 17.99 -7.93
N GLY A 4 2.09 17.96 -8.74
CA GLY A 4 3.11 16.93 -8.61
C GLY A 4 3.77 16.60 -9.92
N SER A 5 4.29 17.62 -10.60
CA SER A 5 4.96 17.44 -11.88
C SER A 5 6.44 17.11 -11.68
N SER A 6 7.08 17.85 -10.79
CA SER A 6 8.50 17.65 -10.51
C SER A 6 8.69 16.57 -9.45
N GLY A 7 9.73 15.76 -9.61
CA GLY A 7 10.02 14.71 -8.66
C GLY A 7 10.04 13.34 -9.30
N THR A 8 10.84 12.43 -8.74
CA THR A 8 10.95 11.08 -9.27
C THR A 8 10.66 10.04 -8.21
N GLY A 9 9.57 9.30 -8.39
CA GLY A 9 9.19 8.28 -7.43
C GLY A 9 7.87 7.61 -7.78
N GLU A 10 7.93 6.62 -8.66
CA GLU A 10 6.74 5.90 -9.08
C GLU A 10 7.06 4.44 -9.40
N LYS A 11 6.44 3.53 -8.65
CA LYS A 11 6.67 2.10 -8.85
C LYS A 11 5.35 1.38 -9.16
N PRO A 12 5.45 0.21 -9.81
CA PRO A 12 4.29 -0.59 -10.17
C PRO A 12 3.61 -1.20 -8.96
N TYR A 13 4.12 -0.90 -7.78
CA TYR A 13 3.57 -1.43 -6.53
C TYR A 13 3.16 -0.30 -5.60
N GLU A 14 1.97 -0.44 -5.00
CA GLU A 14 1.47 0.57 -4.07
C GLU A 14 0.32 0.02 -3.23
N CYS A 15 0.28 0.41 -1.96
CA CYS A 15 -0.76 -0.06 -1.05
C CYS A 15 -2.03 0.77 -1.23
N ASP A 16 -3.14 0.08 -1.49
CA ASP A 16 -4.42 0.75 -1.67
C ASP A 16 -5.09 1.04 -0.32
N VAL A 17 -4.28 1.01 0.74
CA VAL A 17 -4.78 1.27 2.08
C VAL A 17 -4.13 2.49 2.69
N CYS A 18 -2.80 2.53 2.64
CA CYS A 18 -2.04 3.64 3.19
C CYS A 18 -1.32 4.41 2.09
N ARG A 19 -1.41 3.90 0.86
CA ARG A 19 -0.77 4.54 -0.28
C ARG A 19 0.74 4.57 -0.10
N LYS A 20 1.33 3.41 0.16
CA LYS A 20 2.77 3.31 0.35
C LYS A 20 3.46 2.78 -0.91
N ALA A 21 4.60 3.35 -1.25
CA ALA A 21 5.35 2.94 -2.43
C ALA A 21 6.55 2.08 -2.04
N PHE A 22 6.82 1.05 -2.84
CA PHE A 22 7.92 0.15 -2.57
C PHE A 22 8.68 -0.18 -3.87
N SER A 23 9.73 -0.98 -3.75
CA SER A 23 10.53 -1.36 -4.90
C SER A 23 10.04 -2.68 -5.49
N HIS A 24 10.06 -3.74 -4.67
CA HIS A 24 9.61 -5.05 -5.11
C HIS A 24 8.20 -5.35 -4.61
N HIS A 25 7.66 -6.49 -5.00
CA HIS A 25 6.31 -6.89 -4.59
C HIS A 25 6.33 -7.42 -3.17
N ALA A 26 7.20 -8.40 -2.91
CA ALA A 26 7.30 -9.00 -1.58
C ALA A 26 7.14 -7.94 -0.49
N SER A 27 7.73 -6.76 -0.72
CA SER A 27 7.65 -5.67 0.25
C SER A 27 6.19 -5.26 0.48
N LEU A 28 5.48 -5.02 -0.60
CA LEU A 28 4.08 -4.60 -0.52
C LEU A 28 3.21 -5.75 -0.01
N THR A 29 3.45 -6.94 -0.53
CA THR A 29 2.69 -8.12 -0.13
C THR A 29 2.84 -8.40 1.37
N GLN A 30 4.10 -8.45 1.82
CA GLN A 30 4.39 -8.71 3.23
C GLN A 30 3.89 -7.57 4.10
N HIS A 31 3.92 -6.35 3.55
CA HIS A 31 3.48 -5.17 4.29
C HIS A 31 1.99 -5.27 4.61
N GLN A 32 1.18 -5.45 3.59
CA GLN A 32 -0.26 -5.56 3.76
C GLN A 32 -0.61 -6.32 5.04
N ARG A 33 0.24 -7.30 5.39
CA ARG A 33 0.03 -8.09 6.58
C ARG A 33 -0.44 -7.23 7.74
N VAL A 34 0.21 -6.07 7.92
CA VAL A 34 -0.14 -5.15 8.99
C VAL A 34 -1.63 -4.87 9.01
N HIS A 35 -2.19 -4.60 7.83
CA HIS A 35 -3.63 -4.32 7.71
C HIS A 35 -4.44 -5.60 7.83
N SER A 36 -5.76 -5.44 7.94
CA SER A 36 -6.66 -6.58 8.06
C SER A 36 -7.87 -6.42 7.16
N GLY A 37 -8.25 -7.51 6.50
CA GLY A 37 -9.39 -7.47 5.60
C GLY A 37 -10.71 -7.30 6.34
N GLU A 38 -10.88 -8.08 7.40
CA GLU A 38 -12.11 -8.00 8.20
C GLU A 38 -11.80 -7.50 9.61
N LYS A 39 -12.68 -6.65 10.13
CA LYS A 39 -12.51 -6.10 11.47
C LYS A 39 -13.68 -6.50 12.37
N PRO A 40 -13.36 -6.93 13.60
CA PRO A 40 -14.36 -7.35 14.58
C PRO A 40 -15.17 -6.17 15.11
N SER A 41 -16.23 -5.81 14.38
CA SER A 41 -17.09 -4.70 14.77
C SER A 41 -17.90 -5.05 16.00
N GLY A 42 -17.34 -4.76 17.18
CA GLY A 42 -18.03 -5.06 18.43
C GLY A 42 -17.81 -3.99 19.48
N PRO A 43 -18.51 -4.12 20.61
CA PRO A 43 -18.41 -3.16 21.72
C PRO A 43 -17.07 -3.25 22.44
N SER A 44 -16.51 -4.45 22.50
CA SER A 44 -15.24 -4.67 23.16
C SER A 44 -14.08 -4.29 22.24
N SER A 45 -14.19 -3.12 21.63
CA SER A 45 -13.15 -2.63 20.72
C SER A 45 -12.91 -1.14 20.93
N GLY A 46 -11.64 -0.79 21.18
CA GLY A 46 -11.30 0.61 21.40
C GLY A 46 -10.16 1.06 20.51
ZN ZN B . -0.56 -0.30 3.73
N GLY A 1 13.46 25.64 -19.99
CA GLY A 1 12.87 24.36 -20.37
C GLY A 1 12.99 23.32 -19.28
N SER A 2 11.86 22.76 -18.87
CA SER A 2 11.84 21.74 -17.83
C SER A 2 12.90 22.03 -16.77
N SER A 3 13.01 23.30 -16.38
CA SER A 3 13.99 23.71 -15.38
C SER A 3 13.53 23.33 -13.98
N GLY A 4 13.87 22.12 -13.55
CA GLY A 4 13.48 21.66 -12.24
C GLY A 4 12.38 20.62 -12.29
N SER A 5 12.61 19.55 -13.04
CA SER A 5 11.61 18.48 -13.18
C SER A 5 12.11 17.21 -12.52
N SER A 6 11.22 16.55 -11.78
CA SER A 6 11.56 15.31 -11.09
C SER A 6 10.32 14.47 -10.82
N GLY A 7 10.53 13.22 -10.43
CA GLY A 7 9.42 12.34 -10.14
C GLY A 7 9.67 11.45 -8.93
N THR A 8 8.73 11.47 -7.99
CA THR A 8 8.85 10.66 -6.79
C THR A 8 7.59 9.85 -6.53
N GLY A 9 7.77 8.60 -6.12
CA GLY A 9 6.64 7.74 -5.83
C GLY A 9 5.94 7.28 -7.11
N GLU A 10 6.73 6.92 -8.12
CA GLU A 10 6.18 6.46 -9.39
C GLU A 10 6.58 5.02 -9.66
N LYS A 11 5.82 4.09 -9.07
CA LYS A 11 6.09 2.67 -9.25
C LYS A 11 4.80 1.87 -9.27
N PRO A 12 4.82 0.72 -9.96
CA PRO A 12 3.66 -0.17 -10.07
C PRO A 12 3.31 -0.85 -8.75
N TYR A 13 4.15 -0.64 -7.75
CA TYR A 13 3.95 -1.24 -6.43
C TYR A 13 3.43 -0.20 -5.44
N GLU A 14 2.19 -0.37 -5.01
CA GLU A 14 1.58 0.56 -4.05
C GLU A 14 0.58 -0.17 -3.15
N CYS A 15 0.25 0.44 -2.02
CA CYS A 15 -0.69 -0.14 -1.08
C CYS A 15 -2.08 0.45 -1.27
N ASP A 16 -3.11 -0.36 -1.05
CA ASP A 16 -4.49 0.09 -1.19
C ASP A 16 -5.02 0.64 0.13
N VAL A 17 -4.10 1.01 1.02
CA VAL A 17 -4.47 1.55 2.31
C VAL A 17 -3.67 2.80 2.64
N CYS A 18 -2.35 2.66 2.69
CA CYS A 18 -1.47 3.79 2.99
C CYS A 18 -0.78 4.29 1.73
N ARG A 19 -1.16 3.71 0.59
CA ARG A 19 -0.58 4.10 -0.69
C ARG A 19 0.95 4.11 -0.62
N LYS A 20 1.50 3.15 0.12
CA LYS A 20 2.95 3.03 0.28
C LYS A 20 3.57 2.30 -0.91
N ALA A 21 4.60 2.89 -1.50
CA ALA A 21 5.29 2.28 -2.63
C ALA A 21 6.46 1.42 -2.16
N PHE A 22 6.59 0.24 -2.77
CA PHE A 22 7.67 -0.68 -2.42
C PHE A 22 8.44 -1.10 -3.66
N SER A 23 9.76 -1.05 -3.57
CA SER A 23 10.63 -1.43 -4.68
C SER A 23 10.43 -2.89 -5.06
N HIS A 24 10.44 -3.76 -4.04
CA HIS A 24 10.26 -5.19 -4.26
C HIS A 24 8.83 -5.61 -3.93
N HIS A 25 8.15 -6.19 -4.91
CA HIS A 25 6.77 -6.65 -4.73
C HIS A 25 6.56 -7.16 -3.31
N ALA A 26 7.26 -8.23 -2.96
CA ALA A 26 7.14 -8.82 -1.63
C ALA A 26 6.91 -7.75 -0.58
N SER A 27 7.89 -6.87 -0.38
CA SER A 27 7.79 -5.81 0.61
C SER A 27 6.38 -5.24 0.65
N LEU A 28 5.78 -5.05 -0.52
CA LEU A 28 4.43 -4.51 -0.62
C LEU A 28 3.41 -5.57 -0.23
N THR A 29 3.63 -6.81 -0.68
CA THR A 29 2.72 -7.90 -0.37
C THR A 29 2.72 -8.22 1.12
N GLN A 30 3.90 -8.59 1.63
CA GLN A 30 4.03 -8.92 3.05
C GLN A 30 3.52 -7.79 3.92
N HIS A 31 3.83 -6.56 3.53
CA HIS A 31 3.41 -5.39 4.29
C HIS A 31 1.90 -5.41 4.51
N GLN A 32 1.15 -5.68 3.45
CA GLN A 32 -0.31 -5.73 3.53
C GLN A 32 -0.76 -6.28 4.88
N ARG A 33 0.02 -7.20 5.43
CA ARG A 33 -0.31 -7.81 6.71
C ARG A 33 -0.76 -6.75 7.71
N VAL A 34 0.09 -5.75 7.94
CA VAL A 34 -0.23 -4.67 8.86
C VAL A 34 -1.72 -4.36 8.86
N HIS A 35 -2.30 -4.26 7.66
CA HIS A 35 -3.72 -3.97 7.52
C HIS A 35 -4.55 -5.25 7.60
N SER A 36 -5.20 -5.46 8.74
CA SER A 36 -6.02 -6.65 8.94
C SER A 36 -6.98 -6.85 7.77
N GLY A 37 -7.51 -5.75 7.26
CA GLY A 37 -8.44 -5.82 6.14
C GLY A 37 -9.78 -5.20 6.45
N GLU A 38 -10.71 -5.30 5.51
CA GLU A 38 -12.05 -4.73 5.69
C GLU A 38 -12.84 -5.55 6.72
N LYS A 39 -12.25 -6.64 7.19
CA LYS A 39 -12.90 -7.50 8.17
C LYS A 39 -11.91 -7.97 9.23
N PRO A 40 -12.38 -8.05 10.48
CA PRO A 40 -11.55 -8.49 11.61
C PRO A 40 -11.20 -9.97 11.54
N SER A 41 -9.96 -10.26 11.15
CA SER A 41 -9.50 -11.64 11.04
C SER A 41 -8.05 -11.77 11.50
N GLY A 42 -7.82 -12.69 12.43
CA GLY A 42 -6.48 -12.90 12.94
C GLY A 42 -6.17 -14.36 13.18
N PRO A 43 -4.87 -14.69 13.28
CA PRO A 43 -4.42 -16.06 13.50
C PRO A 43 -4.76 -16.57 14.90
N SER A 44 -4.41 -17.83 15.17
CA SER A 44 -4.69 -18.43 16.47
C SER A 44 -3.57 -19.38 16.88
N SER A 45 -2.97 -19.12 18.03
CA SER A 45 -1.88 -19.94 18.53
C SER A 45 -2.18 -20.45 19.94
N GLY A 46 -1.55 -21.56 20.31
CA GLY A 46 -1.76 -22.14 21.62
C GLY A 46 -1.71 -23.65 21.61
ZN ZN B . -0.29 -0.12 3.69
N GLY A 1 13.59 27.35 -11.32
CA GLY A 1 12.88 26.68 -12.40
C GLY A 1 11.90 25.64 -11.90
N SER A 2 11.23 24.97 -12.83
CA SER A 2 10.25 23.94 -12.47
C SER A 2 10.94 22.66 -12.05
N SER A 3 10.81 22.30 -10.77
CA SER A 3 11.43 21.10 -10.24
C SER A 3 10.52 19.90 -10.43
N GLY A 4 9.24 20.06 -10.04
CA GLY A 4 8.29 18.98 -10.16
C GLY A 4 7.77 18.51 -8.83
N SER A 5 7.64 17.19 -8.67
CA SER A 5 7.15 16.61 -7.43
C SER A 5 7.72 15.21 -7.21
N SER A 6 8.19 14.96 -5.99
CA SER A 6 8.79 13.67 -5.65
C SER A 6 8.04 13.03 -4.49
N GLY A 7 6.96 12.31 -4.81
CA GLY A 7 6.17 11.66 -3.78
C GLY A 7 4.73 11.46 -4.19
N THR A 8 4.51 11.09 -5.45
CA THR A 8 3.18 10.88 -5.97
C THR A 8 3.06 9.52 -6.65
N GLY A 9 3.68 8.51 -6.06
CA GLY A 9 3.64 7.17 -6.63
C GLY A 9 4.45 7.06 -7.90
N GLU A 10 5.71 6.63 -7.76
CA GLU A 10 6.59 6.48 -8.90
C GLU A 10 6.82 5.00 -9.23
N LYS A 11 6.70 4.16 -8.22
CA LYS A 11 6.88 2.72 -8.38
C LYS A 11 5.57 2.04 -8.77
N PRO A 12 5.68 0.94 -9.53
CA PRO A 12 4.51 0.18 -9.98
C PRO A 12 3.82 -0.56 -8.84
N TYR A 13 4.45 -0.54 -7.66
CA TYR A 13 3.90 -1.21 -6.49
C TYR A 13 3.40 -0.19 -5.47
N GLU A 14 2.10 -0.23 -5.19
CA GLU A 14 1.50 0.69 -4.23
C GLU A 14 0.51 -0.05 -3.33
N CYS A 15 0.39 0.41 -2.09
CA CYS A 15 -0.52 -0.19 -1.12
C CYS A 15 -1.94 0.34 -1.31
N ASP A 16 -2.90 -0.57 -1.35
CA ASP A 16 -4.30 -0.20 -1.52
C ASP A 16 -4.91 0.24 -0.19
N VAL A 17 -4.07 0.55 0.77
CA VAL A 17 -4.52 0.97 2.10
C VAL A 17 -3.88 2.30 2.49
N CYS A 18 -2.55 2.35 2.47
CA CYS A 18 -1.82 3.55 2.83
C CYS A 18 -1.01 4.07 1.63
N ARG A 19 -1.42 3.66 0.44
CA ARG A 19 -0.74 4.09 -0.78
C ARG A 19 0.77 4.18 -0.57
N LYS A 20 1.36 3.08 -0.10
CA LYS A 20 2.79 3.03 0.16
C LYS A 20 3.54 2.48 -1.05
N ALA A 21 4.60 3.17 -1.46
CA ALA A 21 5.39 2.75 -2.61
C ALA A 21 6.50 1.80 -2.18
N PHE A 22 6.73 0.76 -2.97
CA PHE A 22 7.76 -0.23 -2.67
C PHE A 22 8.57 -0.56 -3.91
N SER A 23 9.61 -1.37 -3.74
CA SER A 23 10.47 -1.77 -4.85
C SER A 23 9.99 -3.08 -5.47
N HIS A 24 9.88 -4.10 -4.64
CA HIS A 24 9.44 -5.42 -5.11
C HIS A 24 8.10 -5.80 -4.47
N HIS A 25 7.24 -6.43 -5.24
CA HIS A 25 5.93 -6.85 -4.76
C HIS A 25 6.02 -7.31 -3.30
N ALA A 26 6.83 -8.32 -3.05
CA ALA A 26 7.01 -8.85 -1.70
C ALA A 26 6.85 -7.76 -0.66
N SER A 27 7.80 -6.83 -0.64
CA SER A 27 7.78 -5.72 0.31
C SER A 27 6.34 -5.25 0.55
N LEU A 28 5.59 -5.07 -0.53
CA LEU A 28 4.21 -4.62 -0.45
C LEU A 28 3.31 -5.74 0.07
N THR A 29 3.56 -6.95 -0.39
CA THR A 29 2.77 -8.11 0.03
C THR A 29 2.88 -8.33 1.53
N GLN A 30 4.11 -8.52 2.01
CA GLN A 30 4.36 -8.74 3.42
C GLN A 30 3.83 -7.58 4.26
N HIS A 31 3.99 -6.37 3.75
CA HIS A 31 3.53 -5.18 4.46
C HIS A 31 2.01 -5.21 4.65
N GLN A 32 1.29 -5.47 3.57
CA GLN A 32 -0.18 -5.54 3.63
C GLN A 32 -0.65 -6.11 4.96
N ARG A 33 0.11 -7.08 5.47
CA ARG A 33 -0.23 -7.72 6.74
C ARG A 33 -0.68 -6.67 7.77
N VAL A 34 0.18 -5.69 8.01
CA VAL A 34 -0.13 -4.63 8.96
C VAL A 34 -1.62 -4.28 8.95
N HIS A 35 -2.20 -4.24 7.75
CA HIS A 35 -3.60 -3.92 7.59
C HIS A 35 -4.46 -5.18 7.68
N SER A 36 -4.04 -6.23 6.97
CA SER A 36 -4.77 -7.49 6.96
C SER A 36 -5.40 -7.76 8.33
N GLY A 37 -4.56 -7.83 9.36
CA GLY A 37 -5.05 -8.09 10.70
C GLY A 37 -3.99 -8.67 11.61
N GLU A 38 -4.29 -8.75 12.90
CA GLU A 38 -3.36 -9.29 13.87
C GLU A 38 -3.97 -10.45 14.64
N LYS A 39 -3.33 -11.61 14.57
CA LYS A 39 -3.82 -12.81 15.26
C LYS A 39 -2.66 -13.67 15.73
N PRO A 40 -2.83 -14.32 16.90
CA PRO A 40 -1.81 -15.19 17.47
C PRO A 40 -1.63 -16.48 16.68
N SER A 41 -0.40 -16.99 16.67
CA SER A 41 -0.09 -18.22 15.94
C SER A 41 -0.95 -19.37 16.43
N GLY A 42 -1.29 -20.29 15.52
CA GLY A 42 -2.10 -21.43 15.88
C GLY A 42 -1.45 -22.30 16.94
N PRO A 43 -2.19 -23.31 17.41
CA PRO A 43 -1.70 -24.24 18.43
C PRO A 43 -0.60 -25.16 17.91
N SER A 44 -0.32 -25.06 16.61
CA SER A 44 0.71 -25.88 15.98
C SER A 44 2.01 -25.82 16.78
N SER A 45 2.55 -24.62 16.93
CA SER A 45 3.79 -24.42 17.66
C SER A 45 4.95 -25.11 16.94
N GLY A 46 5.01 -24.93 15.63
CA GLY A 46 6.08 -25.54 14.85
C GLY A 46 7.45 -25.28 15.44
ZN ZN B . -0.21 -0.15 3.61
N GLY A 1 21.18 1.52 -23.97
CA GLY A 1 21.65 2.56 -23.07
C GLY A 1 21.09 2.40 -21.67
N SER A 2 21.72 3.06 -20.70
CA SER A 2 21.29 2.97 -19.31
C SER A 2 21.36 4.35 -18.64
N SER A 3 20.20 4.88 -18.28
CA SER A 3 20.12 6.19 -17.64
C SER A 3 19.16 6.16 -16.45
N GLY A 4 19.60 6.70 -15.32
CA GLY A 4 18.77 6.73 -14.13
C GLY A 4 17.91 7.97 -14.06
N SER A 5 17.12 8.21 -15.10
CA SER A 5 16.25 9.37 -15.15
C SER A 5 14.79 8.97 -15.15
N SER A 6 14.42 8.06 -16.05
CA SER A 6 13.06 7.58 -16.16
C SER A 6 13.02 6.12 -16.62
N GLY A 7 11.91 5.45 -16.35
CA GLY A 7 11.77 4.06 -16.75
C GLY A 7 12.79 3.16 -16.07
N THR A 8 12.96 3.34 -14.76
CA THR A 8 13.91 2.54 -14.01
C THR A 8 13.45 2.37 -12.55
N GLY A 9 13.38 1.13 -12.11
CA GLY A 9 12.95 0.85 -10.75
C GLY A 9 11.78 1.70 -10.32
N GLU A 10 10.74 1.73 -11.15
CA GLU A 10 9.54 2.52 -10.86
C GLU A 10 8.84 1.99 -9.61
N LYS A 11 7.85 2.73 -9.14
CA LYS A 11 7.09 2.34 -7.97
C LYS A 11 5.63 2.06 -8.32
N PRO A 12 5.41 1.16 -9.29
CA PRO A 12 4.07 0.78 -9.73
C PRO A 12 3.30 -0.01 -8.68
N TYR A 13 3.92 -0.19 -7.51
CA TYR A 13 3.30 -0.93 -6.42
C TYR A 13 2.90 0.00 -5.29
N GLU A 14 1.59 0.15 -5.09
CA GLU A 14 1.07 1.02 -4.05
C GLU A 14 0.05 0.29 -3.18
N CYS A 15 0.02 0.62 -1.89
CA CYS A 15 -0.92 0.00 -0.97
C CYS A 15 -2.29 0.66 -1.03
N ASP A 16 -3.33 -0.16 -1.16
CA ASP A 16 -4.70 0.35 -1.23
C ASP A 16 -5.29 0.53 0.17
N VAL A 17 -4.41 0.62 1.16
CA VAL A 17 -4.85 0.79 2.54
C VAL A 17 -4.22 2.03 3.17
N CYS A 18 -2.92 2.19 2.95
CA CYS A 18 -2.20 3.34 3.49
C CYS A 18 -1.65 4.22 2.37
N ARG A 19 -1.79 3.75 1.14
CA ARG A 19 -1.31 4.49 -0.03
C ARG A 19 0.20 4.68 0.04
N LYS A 20 0.91 3.60 0.35
CA LYS A 20 2.36 3.65 0.45
C LYS A 20 3.01 3.16 -0.85
N ALA A 21 4.34 3.26 -0.91
CA ALA A 21 5.08 2.83 -2.09
C ALA A 21 6.16 1.83 -1.72
N PHE A 22 6.29 0.77 -2.51
CA PHE A 22 7.29 -0.26 -2.28
C PHE A 22 8.07 -0.56 -3.54
N SER A 23 9.37 -0.24 -3.52
CA SER A 23 10.24 -0.48 -4.67
C SER A 23 9.93 -1.84 -5.31
N HIS A 24 9.92 -2.88 -4.48
CA HIS A 24 9.65 -4.23 -4.96
C HIS A 24 8.21 -4.63 -4.69
N HIS A 25 7.75 -5.69 -5.35
CA HIS A 25 6.38 -6.16 -5.17
C HIS A 25 6.23 -6.93 -3.86
N ALA A 26 7.12 -7.89 -3.65
CA ALA A 26 7.09 -8.70 -2.43
C ALA A 26 7.00 -7.82 -1.19
N SER A 27 7.72 -6.71 -1.21
CA SER A 27 7.72 -5.79 -0.08
C SER A 27 6.30 -5.31 0.24
N LEU A 28 5.45 -5.29 -0.78
CA LEU A 28 4.07 -4.87 -0.61
C LEU A 28 3.19 -6.02 -0.16
N THR A 29 3.24 -7.13 -0.90
CA THR A 29 2.45 -8.31 -0.58
C THR A 29 2.66 -8.72 0.87
N GLN A 30 3.81 -8.37 1.43
CA GLN A 30 4.12 -8.70 2.82
C GLN A 30 3.62 -7.63 3.76
N HIS A 31 3.96 -6.37 3.47
CA HIS A 31 3.55 -5.25 4.29
C HIS A 31 2.06 -5.31 4.58
N GLN A 32 1.27 -5.60 3.55
CA GLN A 32 -0.17 -5.69 3.69
C GLN A 32 -0.56 -6.32 5.04
N ARG A 33 0.33 -7.17 5.56
CA ARG A 33 0.09 -7.83 6.83
C ARG A 33 -0.26 -6.82 7.91
N VAL A 34 0.56 -5.78 8.02
CA VAL A 34 0.35 -4.75 9.03
C VAL A 34 -1.13 -4.37 9.12
N HIS A 35 -1.85 -4.53 8.01
CA HIS A 35 -3.27 -4.21 7.97
C HIS A 35 -4.12 -5.45 8.20
N SER A 36 -4.72 -5.53 9.38
CA SER A 36 -5.56 -6.67 9.74
C SER A 36 -7.03 -6.40 9.41
N GLY A 37 -7.57 -7.17 8.48
CA GLY A 37 -8.95 -7.00 8.09
C GLY A 37 -9.92 -7.56 9.11
N GLU A 38 -11.18 -7.72 8.72
CA GLU A 38 -12.20 -8.26 9.61
C GLU A 38 -12.20 -9.78 9.58
N LYS A 39 -11.01 -10.37 9.58
CA LYS A 39 -10.87 -11.82 9.56
C LYS A 39 -10.57 -12.37 10.95
N PRO A 40 -11.20 -13.50 11.30
CA PRO A 40 -11.01 -14.14 12.60
C PRO A 40 -9.62 -14.75 12.75
N SER A 41 -9.18 -15.46 11.71
CA SER A 41 -7.87 -16.11 11.73
C SER A 41 -6.76 -15.09 11.47
N GLY A 42 -5.71 -15.15 12.27
CA GLY A 42 -4.60 -14.24 12.11
C GLY A 42 -3.38 -14.65 12.91
N PRO A 43 -2.30 -13.85 12.82
CA PRO A 43 -1.05 -14.12 13.53
C PRO A 43 -1.19 -13.95 15.04
N SER A 44 -1.64 -15.00 15.71
CA SER A 44 -1.81 -14.97 17.16
C SER A 44 -0.47 -15.01 17.88
N SER A 45 0.11 -13.84 18.10
CA SER A 45 1.40 -13.74 18.78
C SER A 45 1.74 -12.29 19.09
N GLY A 46 1.71 -11.95 20.38
CA GLY A 46 2.03 -10.60 20.80
C GLY A 46 1.55 -10.30 22.21
ZN ZN B . -0.23 -0.43 3.72
N GLY A 1 1.14 23.59 0.96
CA GLY A 1 1.77 24.74 0.36
C GLY A 1 2.19 24.50 -1.09
N SER A 2 3.50 24.44 -1.33
CA SER A 2 4.02 24.22 -2.67
C SER A 2 3.50 22.90 -3.24
N SER A 3 3.74 22.69 -4.53
CA SER A 3 3.29 21.47 -5.19
C SER A 3 4.24 20.31 -4.90
N GLY A 4 3.80 19.10 -5.23
CA GLY A 4 4.61 17.92 -5.00
C GLY A 4 5.70 17.76 -6.04
N SER A 5 6.57 16.77 -5.84
CA SER A 5 7.67 16.51 -6.76
C SER A 5 7.43 15.21 -7.54
N SER A 6 7.64 15.27 -8.85
CA SER A 6 7.45 14.11 -9.70
C SER A 6 8.27 12.93 -9.20
N GLY A 7 9.57 13.14 -9.03
CA GLY A 7 10.45 12.08 -8.56
C GLY A 7 10.33 11.86 -7.06
N THR A 8 9.18 11.37 -6.63
CA THR A 8 8.93 11.11 -5.22
C THR A 8 9.06 9.63 -4.91
N GLY A 9 8.77 8.79 -5.89
CA GLY A 9 8.85 7.35 -5.70
C GLY A 9 7.80 6.60 -6.49
N GLU A 10 7.62 6.99 -7.76
CA GLU A 10 6.65 6.35 -8.62
C GLU A 10 7.05 4.91 -8.93
N LYS A 11 6.23 3.95 -8.50
CA LYS A 11 6.51 2.54 -8.74
C LYS A 11 5.23 1.78 -9.04
N PRO A 12 5.37 0.65 -9.74
CA PRO A 12 4.22 -0.20 -10.12
C PRO A 12 3.60 -0.90 -8.91
N TYR A 13 4.30 -0.86 -7.78
CA TYR A 13 3.82 -1.49 -6.57
C TYR A 13 3.39 -0.44 -5.54
N GLU A 14 2.07 -0.27 -5.40
CA GLU A 14 1.53 0.69 -4.45
C GLU A 14 0.40 0.08 -3.63
N CYS A 15 0.47 0.24 -2.31
CA CYS A 15 -0.55 -0.29 -1.42
C CYS A 15 -1.90 0.34 -1.69
N ASP A 16 -2.94 -0.18 -1.05
CA ASP A 16 -4.29 0.34 -1.22
C ASP A 16 -4.74 1.09 0.03
N VAL A 17 -4.44 0.53 1.19
CA VAL A 17 -4.82 1.15 2.46
C VAL A 17 -3.99 2.40 2.74
N CYS A 18 -2.70 2.21 2.92
CA CYS A 18 -1.79 3.32 3.19
C CYS A 18 -1.36 4.00 1.89
N ARG A 19 -1.41 3.25 0.79
CA ARG A 19 -1.02 3.77 -0.51
C ARG A 19 0.47 4.12 -0.54
N LYS A 20 1.29 3.21 -0.06
CA LYS A 20 2.74 3.41 -0.03
C LYS A 20 3.40 2.73 -1.22
N ALA A 21 4.58 3.22 -1.59
CA ALA A 21 5.32 2.66 -2.72
C ALA A 21 6.45 1.75 -2.23
N PHE A 22 6.72 0.70 -3.01
CA PHE A 22 7.77 -0.25 -2.66
C PHE A 22 8.55 -0.67 -3.90
N SER A 23 9.76 -1.17 -3.68
CA SER A 23 10.62 -1.61 -4.77
C SER A 23 10.12 -2.92 -5.37
N HIS A 24 10.11 -3.97 -4.55
CA HIS A 24 9.65 -5.28 -5.00
C HIS A 24 8.28 -5.61 -4.41
N HIS A 25 7.46 -6.28 -5.19
CA HIS A 25 6.11 -6.65 -4.74
C HIS A 25 6.15 -7.18 -3.31
N ALA A 26 6.99 -8.17 -3.07
CA ALA A 26 7.12 -8.76 -1.74
C ALA A 26 6.91 -7.72 -0.65
N SER A 27 7.84 -6.76 -0.57
CA SER A 27 7.76 -5.70 0.42
C SER A 27 6.31 -5.27 0.65
N LEU A 28 5.60 -5.05 -0.45
CA LEU A 28 4.20 -4.64 -0.38
C LEU A 28 3.31 -5.79 0.08
N THR A 29 3.57 -6.98 -0.44
CA THR A 29 2.80 -8.16 -0.09
C THR A 29 2.87 -8.44 1.41
N GLN A 30 4.09 -8.58 1.93
CA GLN A 30 4.29 -8.85 3.35
C GLN A 30 3.78 -7.69 4.19
N HIS A 31 4.01 -6.47 3.73
CA HIS A 31 3.58 -5.28 4.45
C HIS A 31 2.07 -5.29 4.64
N GLN A 32 1.34 -5.54 3.56
CA GLN A 32 -0.13 -5.57 3.62
C GLN A 32 -0.60 -6.13 4.95
N ARG A 33 0.13 -7.11 5.48
CA ARG A 33 -0.22 -7.74 6.74
C ARG A 33 -0.69 -6.69 7.75
N VAL A 34 0.16 -5.69 8.00
CA VAL A 34 -0.18 -4.63 8.94
C VAL A 34 -1.64 -4.22 8.83
N HIS A 35 -2.14 -4.17 7.59
CA HIS A 35 -3.53 -3.80 7.35
C HIS A 35 -4.45 -5.01 7.54
N SER A 36 -5.49 -4.83 8.33
CA SER A 36 -6.45 -5.91 8.59
C SER A 36 -7.47 -6.00 7.47
N GLY A 37 -8.17 -4.90 7.21
CA GLY A 37 -9.17 -4.88 6.16
C GLY A 37 -10.24 -3.82 6.39
N GLU A 38 -9.87 -2.56 6.20
CA GLU A 38 -10.79 -1.46 6.40
C GLU A 38 -12.21 -1.85 5.97
N LYS A 39 -13.19 -1.52 6.80
CA LYS A 39 -14.58 -1.84 6.51
C LYS A 39 -14.88 -1.66 5.03
N PRO A 40 -14.90 -2.77 4.29
CA PRO A 40 -15.18 -2.77 2.84
C PRO A 40 -16.63 -2.42 2.54
N SER A 41 -17.55 -3.08 3.23
CA SER A 41 -18.97 -2.85 3.03
C SER A 41 -19.29 -2.62 1.55
N GLY A 42 -18.68 -3.44 0.69
CA GLY A 42 -18.91 -3.31 -0.73
C GLY A 42 -18.38 -2.00 -1.29
N PRO A 43 -17.05 -1.94 -1.51
CA PRO A 43 -16.40 -0.75 -2.04
C PRO A 43 -16.76 -0.49 -3.50
N SER A 44 -16.95 0.78 -3.85
CA SER A 44 -17.30 1.17 -5.22
C SER A 44 -16.58 0.29 -6.22
N SER A 45 -17.34 -0.58 -6.90
CA SER A 45 -16.77 -1.48 -7.89
C SER A 45 -16.62 -0.78 -9.24
N GLY A 46 -15.74 -1.30 -10.08
CA GLY A 46 -15.52 -0.72 -11.39
C GLY A 46 -14.49 -1.49 -12.20
ZN ZN B . -0.09 -0.37 3.28
N GLY A 1 12.12 27.99 -1.44
CA GLY A 1 12.02 26.54 -1.51
C GLY A 1 13.31 25.88 -1.95
N SER A 2 13.44 24.60 -1.67
CA SER A 2 14.64 23.84 -2.04
C SER A 2 14.36 22.35 -2.07
N SER A 3 14.53 21.74 -3.25
CA SER A 3 14.30 20.30 -3.41
C SER A 3 15.26 19.71 -4.42
N GLY A 4 15.47 18.41 -4.33
CA GLY A 4 16.38 17.73 -5.24
C GLY A 4 15.96 16.30 -5.54
N SER A 5 16.85 15.53 -6.16
CA SER A 5 16.56 14.15 -6.49
C SER A 5 17.82 13.30 -6.42
N SER A 6 17.72 12.15 -5.76
CA SER A 6 18.85 11.25 -5.62
C SER A 6 18.82 10.15 -6.68
N GLY A 7 17.76 9.35 -6.67
CA GLY A 7 17.63 8.29 -7.65
C GLY A 7 16.33 7.52 -7.49
N THR A 8 15.26 8.06 -8.06
CA THR A 8 13.95 7.42 -7.97
C THR A 8 13.98 6.03 -8.60
N GLY A 9 12.96 5.23 -8.32
CA GLY A 9 12.88 3.90 -8.86
C GLY A 9 11.45 3.43 -9.08
N GLU A 10 11.27 2.46 -9.98
CA GLU A 10 9.94 1.94 -10.28
C GLU A 10 9.15 1.70 -9.01
N LYS A 11 8.08 2.47 -8.83
CA LYS A 11 7.24 2.34 -7.65
C LYS A 11 5.78 2.13 -8.04
N PRO A 12 5.56 1.25 -9.04
CA PRO A 12 4.21 0.94 -9.53
C PRO A 12 3.40 0.15 -8.52
N TYR A 13 3.98 -0.09 -7.34
CA TYR A 13 3.30 -0.83 -6.29
C TYR A 13 2.83 0.10 -5.17
N GLU A 14 1.54 0.09 -4.91
CA GLU A 14 0.96 0.93 -3.86
C GLU A 14 -0.04 0.14 -3.01
N CYS A 15 -0.18 0.53 -1.76
CA CYS A 15 -1.10 -0.13 -0.85
C CYS A 15 -2.49 0.48 -0.93
N ASP A 16 -3.50 -0.38 -1.06
CA ASP A 16 -4.88 0.09 -1.15
C ASP A 16 -5.47 0.34 0.23
N VAL A 17 -4.60 0.61 1.20
CA VAL A 17 -5.04 0.87 2.56
C VAL A 17 -4.41 2.15 3.10
N CYS A 18 -3.09 2.26 2.96
CA CYS A 18 -2.36 3.43 3.43
C CYS A 18 -1.77 4.23 2.27
N ARG A 19 -1.94 3.69 1.06
CA ARG A 19 -1.42 4.34 -0.14
C ARG A 19 0.10 4.39 -0.12
N LYS A 20 0.71 3.36 0.44
CA LYS A 20 2.17 3.29 0.52
C LYS A 20 2.78 3.06 -0.87
N ALA A 21 4.10 3.00 -0.92
CA ALA A 21 4.81 2.79 -2.18
C ALA A 21 6.13 2.05 -1.96
N PHE A 22 6.34 0.98 -2.71
CA PHE A 22 7.55 0.18 -2.58
C PHE A 22 8.17 -0.08 -3.96
N SER A 23 9.33 -0.71 -3.96
CA SER A 23 10.03 -1.02 -5.21
C SER A 23 9.64 -2.41 -5.71
N HIS A 24 9.92 -3.43 -4.91
CA HIS A 24 9.60 -4.80 -5.28
C HIS A 24 8.17 -5.15 -4.89
N HIS A 25 7.55 -6.06 -5.64
CA HIS A 25 6.19 -6.47 -5.38
C HIS A 25 6.07 -7.10 -3.99
N ALA A 26 7.08 -7.88 -3.61
CA ALA A 26 7.09 -8.53 -2.31
C ALA A 26 6.98 -7.52 -1.18
N SER A 27 7.89 -6.56 -1.15
CA SER A 27 7.89 -5.52 -0.12
C SER A 27 6.47 -5.07 0.19
N LEU A 28 5.59 -5.16 -0.81
CA LEU A 28 4.20 -4.75 -0.64
C LEU A 28 3.38 -5.88 -0.02
N THR A 29 3.29 -7.00 -0.72
CA THR A 29 2.54 -8.14 -0.23
C THR A 29 2.87 -8.45 1.22
N GLN A 30 4.14 -8.29 1.58
CA GLN A 30 4.59 -8.54 2.95
C GLN A 30 4.16 -7.41 3.87
N HIS A 31 4.07 -6.20 3.32
CA HIS A 31 3.68 -5.03 4.10
C HIS A 31 2.18 -5.07 4.42
N GLN A 32 1.37 -5.23 3.38
CA GLN A 32 -0.08 -5.29 3.55
C GLN A 32 -0.45 -5.95 4.88
N ARG A 33 0.36 -6.92 5.31
CA ARG A 33 0.12 -7.64 6.54
C ARG A 33 -0.27 -6.67 7.66
N VAL A 34 0.51 -5.60 7.81
CA VAL A 34 0.23 -4.60 8.84
C VAL A 34 -1.27 -4.39 9.03
N HIS A 35 -2.02 -4.52 7.95
CA HIS A 35 -3.47 -4.36 7.99
C HIS A 35 -4.16 -5.70 8.17
N SER A 36 -5.33 -5.68 8.82
CA SER A 36 -6.09 -6.91 9.06
C SER A 36 -6.91 -7.28 7.83
N GLY A 37 -7.48 -8.49 7.85
CA GLY A 37 -8.28 -8.95 6.74
C GLY A 37 -9.18 -7.86 6.18
N GLU A 38 -10.27 -7.59 6.87
CA GLU A 38 -11.21 -6.57 6.43
C GLU A 38 -12.12 -6.13 7.58
N LYS A 39 -12.94 -5.11 7.33
CA LYS A 39 -13.85 -4.60 8.34
C LYS A 39 -13.14 -4.44 9.68
N PRO A 40 -12.03 -3.69 9.68
CA PRO A 40 -11.25 -3.44 10.89
C PRO A 40 -11.97 -2.54 11.89
N SER A 41 -11.67 -2.71 13.17
CA SER A 41 -12.31 -1.91 14.22
C SER A 41 -11.32 -0.90 14.79
N GLY A 42 -11.85 0.26 15.20
CA GLY A 42 -11.01 1.29 15.77
C GLY A 42 -11.77 2.24 16.66
N PRO A 43 -11.14 2.65 17.77
CA PRO A 43 -11.76 3.56 18.74
C PRO A 43 -11.91 4.98 18.18
N SER A 44 -13.10 5.29 17.69
CA SER A 44 -13.37 6.61 17.11
C SER A 44 -14.87 6.84 16.99
N SER A 45 -15.25 8.09 16.71
CA SER A 45 -16.65 8.45 16.56
C SER A 45 -16.82 9.57 15.54
N GLY A 46 -17.63 9.31 14.52
CA GLY A 46 -17.87 10.30 13.49
C GLY A 46 -19.22 10.97 13.62
ZN ZN B . -0.51 -0.38 3.82
N GLY A 1 6.28 24.33 7.57
CA GLY A 1 5.06 24.43 6.79
C GLY A 1 4.98 23.35 5.72
N SER A 2 4.35 23.69 4.59
CA SER A 2 4.20 22.74 3.50
C SER A 2 5.40 22.80 2.57
N SER A 3 6.12 21.68 2.46
CA SER A 3 7.29 21.60 1.60
C SER A 3 6.99 20.83 0.32
N GLY A 4 6.39 19.66 0.47
CA GLY A 4 6.04 18.85 -0.68
C GLY A 4 4.75 18.08 -0.49
N SER A 5 4.14 17.65 -1.59
CA SER A 5 2.89 16.90 -1.53
C SER A 5 3.10 15.46 -1.97
N SER A 6 2.36 14.54 -1.36
CA SER A 6 2.46 13.13 -1.68
C SER A 6 1.96 12.85 -3.09
N GLY A 7 2.09 11.60 -3.54
CA GLY A 7 1.64 11.23 -4.86
C GLY A 7 2.79 11.09 -5.85
N THR A 8 3.57 10.02 -5.69
CA THR A 8 4.70 9.77 -6.57
C THR A 8 4.62 8.38 -7.18
N GLY A 9 4.24 8.31 -8.45
CA GLY A 9 4.12 7.04 -9.13
C GLY A 9 5.47 6.52 -9.59
N GLU A 10 6.44 6.50 -8.69
CA GLU A 10 7.78 6.02 -9.02
C GLU A 10 7.82 4.50 -9.05
N LYS A 11 6.94 3.87 -8.29
CA LYS A 11 6.87 2.41 -8.23
C LYS A 11 5.53 1.91 -8.76
N PRO A 12 5.57 0.80 -9.51
CA PRO A 12 4.37 0.19 -10.09
C PRO A 12 3.47 -0.43 -9.04
N TYR A 13 4.05 -0.81 -7.90
CA TYR A 13 3.30 -1.41 -6.81
C TYR A 13 3.01 -0.40 -5.71
N GLU A 14 1.82 -0.48 -5.14
CA GLU A 14 1.41 0.44 -4.07
C GLU A 14 0.33 -0.19 -3.20
N CYS A 15 0.31 0.19 -1.92
CA CYS A 15 -0.67 -0.33 -0.99
C CYS A 15 -2.02 0.34 -1.18
N ASP A 16 -3.06 -0.47 -1.32
CA ASP A 16 -4.41 0.05 -1.51
C ASP A 16 -5.06 0.38 -0.18
N VAL A 17 -4.24 0.69 0.82
CA VAL A 17 -4.74 1.03 2.14
C VAL A 17 -4.09 2.30 2.67
N CYS A 18 -2.76 2.37 2.57
CA CYS A 18 -2.02 3.53 3.04
C CYS A 18 -1.37 4.27 1.86
N ARG A 19 -1.46 3.67 0.68
CA ARG A 19 -0.88 4.27 -0.52
C ARG A 19 0.64 4.40 -0.39
N LYS A 20 1.29 3.32 0.03
CA LYS A 20 2.74 3.31 0.19
C LYS A 20 3.41 2.68 -1.02
N ALA A 21 4.62 3.14 -1.32
CA ALA A 21 5.38 2.62 -2.45
C ALA A 21 6.38 1.56 -1.99
N PHE A 22 6.57 0.54 -2.83
CA PHE A 22 7.50 -0.54 -2.50
C PHE A 22 8.38 -0.88 -3.71
N SER A 23 9.68 -1.01 -3.46
CA SER A 23 10.63 -1.32 -4.53
C SER A 23 10.19 -2.56 -5.29
N HIS A 24 9.69 -3.56 -4.56
CA HIS A 24 9.23 -4.80 -5.17
C HIS A 24 7.90 -5.23 -4.59
N HIS A 25 7.33 -6.31 -5.14
CA HIS A 25 6.05 -6.82 -4.67
C HIS A 25 6.19 -7.45 -3.29
N ALA A 26 7.12 -8.40 -3.16
CA ALA A 26 7.35 -9.08 -1.89
C ALA A 26 7.34 -8.08 -0.74
N SER A 27 7.86 -6.89 -0.98
CA SER A 27 7.93 -5.86 0.05
C SER A 27 6.52 -5.36 0.40
N LEU A 28 5.65 -5.30 -0.60
CA LEU A 28 4.28 -4.85 -0.40
C LEU A 28 3.40 -5.98 0.14
N THR A 29 3.43 -7.12 -0.55
CA THR A 29 2.64 -8.27 -0.14
C THR A 29 2.79 -8.55 1.35
N GLN A 30 4.00 -8.34 1.86
CA GLN A 30 4.28 -8.56 3.27
C GLN A 30 3.73 -7.42 4.12
N HIS A 31 4.09 -6.19 3.76
CA HIS A 31 3.63 -5.02 4.49
C HIS A 31 2.12 -5.03 4.64
N GLN A 32 1.42 -5.24 3.53
CA GLN A 32 -0.03 -5.27 3.54
C GLN A 32 -0.57 -5.88 4.83
N ARG A 33 0.02 -6.99 5.24
CA ARG A 33 -0.40 -7.68 6.46
C ARG A 33 -0.66 -6.67 7.57
N VAL A 34 0.28 -5.75 7.78
CA VAL A 34 0.13 -4.73 8.81
C VAL A 34 -1.32 -4.33 8.99
N HIS A 35 -2.05 -4.25 7.88
CA HIS A 35 -3.47 -3.87 7.91
C HIS A 35 -4.35 -5.10 8.05
N SER A 36 -5.27 -5.05 9.01
CA SER A 36 -6.18 -6.17 9.25
C SER A 36 -7.64 -5.72 9.11
N GLY A 37 -7.98 -4.62 9.77
CA GLY A 37 -9.33 -4.11 9.70
C GLY A 37 -9.92 -3.81 11.08
N GLU A 38 -9.89 -4.82 11.95
CA GLU A 38 -10.41 -4.66 13.30
C GLU A 38 -9.57 -3.68 14.11
N LYS A 39 -10.03 -3.35 15.30
CA LYS A 39 -9.32 -2.43 16.18
C LYS A 39 -8.72 -1.28 15.38
N PRO A 40 -9.55 -0.66 14.53
CA PRO A 40 -9.13 0.47 13.70
C PRO A 40 -8.86 1.74 14.51
N SER A 41 -7.63 1.86 15.02
CA SER A 41 -7.25 3.01 15.82
C SER A 41 -6.35 3.95 15.03
N GLY A 42 -6.88 5.11 14.66
CA GLY A 42 -6.11 6.08 13.91
C GLY A 42 -5.14 6.87 14.78
N PRO A 43 -4.04 7.32 14.18
CA PRO A 43 -3.02 8.10 14.89
C PRO A 43 -3.50 9.49 15.26
N SER A 44 -4.76 9.79 14.94
CA SER A 44 -5.34 11.09 15.24
C SER A 44 -4.81 11.63 16.56
N SER A 45 -4.02 12.70 16.48
CA SER A 45 -3.44 13.31 17.67
C SER A 45 -4.53 13.82 18.60
N GLY A 46 -4.34 13.63 19.90
CA GLY A 46 -5.31 14.08 20.88
C GLY A 46 -4.75 15.12 21.83
ZN ZN B . -0.26 -0.18 3.75
#